data_4M42
#
_entry.id   4M42
#
_cell.length_a   78.538
_cell.length_b   118.657
_cell.length_c   130.651
_cell.angle_alpha   90.00
_cell.angle_beta   90.00
_cell.angle_gamma   90.00
#
_symmetry.space_group_name_H-M   'P 21 21 21'
#
loop_
_entity.id
_entity.type
_entity.pdbx_description
1 polymer 'DNA polymerase'
2 polymer 'DNA template'
3 polymer 'DNA primer'
4 non-polymer "ADENOSINE-5'-TRIPHOSPHATE"
5 non-polymer 'CALCIUM ION'
6 water water
#
loop_
_entity_poly.entity_id
_entity_poly.type
_entity_poly.pdbx_seq_one_letter_code
_entity_poly.pdbx_strand_id
1 'polypeptide(L)'
;MKEFYLTVEQIGDSIFERYIDSNGRERTREVEYKPSLFAHCPESQATKYFDIYGKPCTRKLFANMRDASQWIKRMEDIGL
EALGMDDFKLAYLSDTYNYEIKYDHTKIRVANFDIEVTSPDGFPEPSQAKHPIDAITHYDSIDDRFYVFDLLNSPYGNVE
EWSIEIAAKLQEQGGDEVPSEIIDKIIYMPFDNEKELLMEYLNFWQQKTPVILTGWNVESFAIPYVYNRIKNIFGESTAK
RLSPHRKTRVKVIENMYGSREIITLFGISVLDYIDLYKKFSFTNQPSYSLDYISEFELNVGKLKYDGPISKLRESNHQRY
ISYNIIAVYRVLQIDAKRQFINLSLDMGYYAKIQIQSVFSPIKTWDAIIFNSLKEQNKVIPQGRSHPVQPYPGAFVKEPI
PNRYKYVMSFDLTSAYPSIIRQVNISPETIAGTFKVAPLHDYINAVAERPSDVYSCSPNGMMYYKDRDGVVPTEITKVFN
QRKEHKGYMLAAQRNGEIIKEALHNPNLSVDEPLDVDYRFDFSDEIKEKIKKLSAKSLNEMLFRAQRTEVAGMTAQINRK
ALINGLAGALGNVWFRYYDLRNATAITTFGQMALQWIERKVNEYLNEVCGTEGEAFVLYGDTDSIYVSADKIIDKVGESK
FRDTNHWVDFLDKFARERMEPAIDRGFREMCEYMNNKQHLMFMDREAIAGPPLGSKGIGGFWTGKKRYALNVWDMEGTRY
AEPKLKIMGLETQKSSTPKAVQKALKECIRRMLQEGEESLQEYFKEFEKEFRQLNYISIASVSSANNIAKYDVGGFPGPK
CPFHIRGILTYNRAIKGNIDAPQVVEGEKVYVLPLREGNPFGDKCIAWPSGTEITDLIKDDVLHWMDYTVLLEKTFIKPL
EGFTSAAKLDYEKKASLFDMFDF
;
A
2 'polydeoxyribonucleotide' (DC)(DA)(DT)(DG)(DT)(DA)(DT)(DG)(DC)(DA)(DG)(DT)(DC)(DC)(DG)(DC)(DG) T
3 'polydeoxyribonucleotide' (DG)(DC)(DG)(DG)(DA)(DC)(DT)(DG)(DC)(DG)(DT)(DA)(DC) P
#
# COMPACT_ATOMS: atom_id res chain seq x y z
N MET A 1 3.75 25.56 24.50
CA MET A 1 3.93 24.77 23.25
C MET A 1 3.30 25.53 22.07
N LYS A 2 3.77 25.24 20.87
CA LYS A 2 3.15 25.80 19.66
C LYS A 2 1.79 25.14 19.42
N GLU A 3 0.84 25.93 18.94
CA GLU A 3 -0.51 25.44 18.68
C GLU A 3 -0.58 24.65 17.38
N PHE A 4 -1.48 23.67 17.32
CA PHE A 4 -1.73 22.96 16.08
C PHE A 4 -3.19 22.57 15.97
N TYR A 5 -3.70 22.50 14.73
CA TYR A 5 -5.08 22.10 14.48
C TYR A 5 -5.34 20.61 14.73
N LEU A 6 -6.60 20.28 14.95
CA LEU A 6 -7.01 18.91 15.06
C LEU A 6 -7.87 18.60 13.87
N THR A 7 -8.93 19.40 13.70
CA THR A 7 -9.82 19.25 12.54
C THR A 7 -10.25 20.62 12.07
N VAL A 8 -10.65 20.69 10.81
CA VAL A 8 -11.15 21.93 10.23
C VAL A 8 -12.30 21.58 9.29
N GLU A 9 -13.33 22.41 9.32
CA GLU A 9 -14.49 22.25 8.45
C GLU A 9 -14.99 23.60 7.97
N GLN A 10 -15.52 23.63 6.75
CA GLN A 10 -16.31 24.76 6.28
C GLN A 10 -17.80 24.42 6.35
N ILE A 11 -18.54 25.22 7.09
CA ILE A 11 -20.00 25.11 7.17
C ILE A 11 -20.58 26.50 6.89
N GLY A 12 -21.18 26.66 5.72
CA GLY A 12 -21.64 27.96 5.25
C GLY A 12 -20.50 28.96 5.28
N ASP A 13 -20.73 30.11 5.92
CA ASP A 13 -19.69 31.15 6.02
C ASP A 13 -18.82 31.04 7.28
N SER A 14 -18.85 29.88 7.92
CA SER A 14 -18.03 29.64 9.09
C SER A 14 -17.00 28.54 8.86
N ILE A 15 -15.82 28.76 9.40
CA ILE A 15 -14.83 27.71 9.59
C ILE A 15 -15.01 27.22 11.03
N PHE A 16 -15.18 25.91 11.18
CA PHE A 16 -15.18 25.26 12.49
C PHE A 16 -13.87 24.53 12.67
N GLU A 17 -13.14 24.90 13.72
CA GLU A 17 -11.82 24.32 14.01
C GLU A 17 -11.71 23.78 15.42
N ARG A 18 -11.29 22.51 15.50
CA ARG A 18 -10.88 21.94 16.76
C ARG A 18 -9.37 22.01 16.75
N TYR A 19 -8.77 22.40 17.87
CA TYR A 19 -7.32 22.58 17.91
C TYR A 19 -6.74 22.38 19.31
N ILE A 20 -5.42 22.32 19.37
CA ILE A 20 -4.70 22.27 20.65
C ILE A 20 -4.07 23.65 20.90
N ASP A 21 -4.37 24.25 22.05
CA ASP A 21 -3.85 25.60 22.35
C ASP A 21 -2.42 25.58 22.91
N SER A 22 -1.92 26.75 23.31
CA SER A 22 -0.54 26.92 23.77
C SER A 22 -0.28 26.21 25.09
N ASN A 23 -1.34 25.99 25.86
CA ASN A 23 -1.27 25.22 27.09
C ASN A 23 -1.47 23.72 26.90
N GLY A 24 -1.71 23.31 25.66
CA GLY A 24 -1.93 21.89 25.36
C GLY A 24 -3.35 21.42 25.60
N ARG A 25 -4.28 22.36 25.70
CA ARG A 25 -5.69 22.05 25.92
C ARG A 25 -6.42 21.96 24.59
N GLU A 26 -7.36 21.01 24.49
CA GLU A 26 -8.26 20.96 23.34
C GLU A 26 -9.34 22.04 23.40
N ARG A 27 -9.47 22.77 22.31
CA ARG A 27 -10.42 23.87 22.17
C ARG A 27 -11.15 23.77 20.83
N THR A 28 -12.33 24.41 20.74
CA THR A 28 -13.07 24.52 19.49
C THR A 28 -13.36 25.99 19.26
N ARG A 29 -13.34 26.42 18.00
CA ARG A 29 -13.78 27.77 17.66
C ARG A 29 -14.54 27.82 16.33
N GLU A 30 -15.39 28.84 16.20
CA GLU A 30 -16.08 29.14 14.96
C GLU A 30 -15.55 30.48 14.45
N VAL A 31 -15.07 30.51 13.21
CA VAL A 31 -14.46 31.72 12.63
C VAL A 31 -15.16 32.11 11.33
N GLU A 32 -15.69 33.33 11.29
CA GLU A 32 -16.29 33.91 10.08
C GLU A 32 -15.15 34.33 9.16
N TYR A 33 -14.57 33.35 8.49
CA TYR A 33 -13.31 33.52 7.77
C TYR A 33 -13.47 34.41 6.57
N LYS A 34 -12.55 35.37 6.42
CA LYS A 34 -12.59 36.28 5.29
C LYS A 34 -11.50 35.90 4.29
N PRO A 35 -11.88 35.16 3.24
CA PRO A 35 -10.92 34.61 2.29
C PRO A 35 -10.51 35.64 1.25
N SER A 36 -9.34 35.44 0.66
CA SER A 36 -8.90 36.25 -0.48
C SER A 36 -8.76 35.42 -1.74
N LEU A 37 -9.10 36.03 -2.86
CA LEU A 37 -8.78 35.46 -4.17
C LEU A 37 -8.18 36.59 -4.99
N PHE A 38 -7.72 36.27 -6.20
CA PHE A 38 -6.92 37.23 -6.96
C PHE A 38 -7.33 37.28 -8.43
N ALA A 39 -7.14 38.46 -9.03
CA ALA A 39 -7.41 38.68 -10.44
C ALA A 39 -6.17 39.33 -11.07
N HIS A 40 -5.85 38.98 -12.31
CA HIS A 40 -4.76 39.68 -13.02
C HIS A 40 -5.06 41.16 -13.12
N CYS A 41 -4.05 42.00 -12.92
CA CYS A 41 -4.20 43.46 -12.98
C CYS A 41 -3.14 44.06 -13.91
N PRO A 42 -3.26 45.35 -14.28
CA PRO A 42 -2.28 45.93 -15.19
C PRO A 42 -0.93 46.15 -14.51
N GLU A 43 0.14 46.17 -15.32
CA GLU A 43 1.51 46.33 -14.81
C GLU A 43 1.67 47.63 -14.01
N SER A 44 1.01 48.69 -14.48
CA SER A 44 1.05 50.01 -13.85
C SER A 44 0.48 50.03 -12.43
N GLN A 45 -0.23 48.97 -12.06
CA GLN A 45 -0.77 48.84 -10.72
C GLN A 45 0.21 48.13 -9.80
N ALA A 46 0.71 48.86 -8.80
CA ALA A 46 1.65 48.32 -7.82
C ALA A 46 0.99 47.26 -6.93
N THR A 47 1.69 46.16 -6.72
CA THR A 47 1.15 45.04 -5.95
C THR A 47 2.30 44.20 -5.40
N LYS A 48 2.07 43.51 -4.30
CA LYS A 48 3.06 42.55 -3.80
C LYS A 48 2.71 41.12 -4.22
N TYR A 49 1.62 40.95 -4.96
CA TYR A 49 1.14 39.63 -5.38
C TYR A 49 1.36 39.36 -6.86
N PHE A 50 2.05 38.26 -7.16
CA PHE A 50 2.31 37.86 -8.55
C PHE A 50 1.92 36.40 -8.77
N ASP A 51 1.41 36.08 -9.95
CA ASP A 51 1.11 34.69 -10.26
C ASP A 51 2.42 33.96 -10.54
N ILE A 52 2.36 32.65 -10.79
CA ILE A 52 3.60 31.87 -10.88
C ILE A 52 4.44 32.22 -12.10
N TYR A 53 3.83 32.90 -13.08
CA TYR A 53 4.54 33.33 -14.27
C TYR A 53 4.95 34.80 -14.17
N GLY A 54 4.94 35.34 -12.95
CA GLY A 54 5.40 36.69 -12.67
C GLY A 54 4.48 37.82 -13.09
N LYS A 55 3.23 37.50 -13.43
CA LYS A 55 2.24 38.51 -13.82
C LYS A 55 1.58 39.10 -12.57
N PRO A 56 1.38 40.44 -12.55
CA PRO A 56 0.82 41.06 -11.36
C PRO A 56 -0.66 40.71 -11.10
N CYS A 57 -1.00 40.58 -9.83
CA CYS A 57 -2.38 40.33 -9.41
C CYS A 57 -2.82 41.31 -8.35
N THR A 58 -4.11 41.62 -8.36
CA THR A 58 -4.73 42.39 -7.31
C THR A 58 -5.44 41.42 -6.34
N ARG A 59 -5.34 41.67 -5.04
CA ARG A 59 -6.03 40.85 -4.05
C ARG A 59 -7.48 41.30 -3.89
N LYS A 60 -8.39 40.32 -3.90
CA LYS A 60 -9.79 40.57 -3.59
C LYS A 60 -10.14 39.95 -2.24
N LEU A 61 -10.40 40.82 -1.28
CA LEU A 61 -10.77 40.40 0.08
C LEU A 61 -12.28 40.33 0.16
N PHE A 62 -12.81 39.17 0.52
CA PHE A 62 -14.26 39.00 0.60
C PHE A 62 -14.75 39.03 2.03
N ALA A 63 -15.96 39.57 2.23
CA ALA A 63 -16.56 39.65 3.56
C ALA A 63 -16.96 38.27 4.08
N ASN A 64 -17.10 37.31 3.17
CA ASN A 64 -17.42 35.92 3.52
C ASN A 64 -17.09 34.93 2.40
N MET A 65 -17.15 33.64 2.72
CA MET A 65 -16.79 32.58 1.77
C MET A 65 -17.80 32.44 0.62
N ARG A 66 -19.07 32.68 0.91
CA ARG A 66 -20.11 32.69 -0.12
C ARG A 66 -19.88 33.77 -1.17
N ASP A 67 -19.50 34.97 -0.73
CA ASP A 67 -19.17 36.05 -1.65
C ASP A 67 -18.01 35.68 -2.54
N ALA A 68 -17.03 34.99 -1.96
CA ALA A 68 -15.87 34.52 -2.70
C ALA A 68 -16.25 33.52 -3.80
N SER A 69 -17.08 32.54 -3.47
CA SER A 69 -17.53 31.52 -4.43
C SER A 69 -18.39 32.09 -5.55
N GLN A 70 -19.27 33.02 -5.19
CA GLN A 70 -20.08 33.76 -6.16
C GLN A 70 -19.24 34.58 -7.14
N TRP A 71 -18.16 35.18 -6.65
CA TRP A 71 -17.24 35.91 -7.54
C TRP A 71 -16.57 34.97 -8.53
N ILE A 72 -16.14 33.80 -8.04
CA ILE A 72 -15.57 32.76 -8.91
C ILE A 72 -16.50 32.47 -10.09
N LYS A 73 -17.80 32.31 -9.82
CA LYS A 73 -18.76 32.04 -10.89
C LYS A 73 -18.89 33.21 -11.85
N ARG A 74 -18.97 34.44 -11.32
CA ARG A 74 -19.04 35.62 -12.18
C ARG A 74 -17.82 35.74 -13.09
N MET A 75 -16.63 35.48 -12.54
CA MET A 75 -15.38 35.50 -13.32
C MET A 75 -15.42 34.48 -14.46
N GLU A 76 -15.92 33.28 -14.17
CA GLU A 76 -16.09 32.24 -15.18
C GLU A 76 -17.03 32.73 -16.29
N ASP A 77 -18.13 33.37 -15.89
CA ASP A 77 -19.12 33.93 -16.79
C ASP A 77 -18.54 35.05 -17.67
N ILE A 78 -17.71 35.90 -17.06
CA ILE A 78 -17.00 36.95 -17.80
C ILE A 78 -15.94 36.33 -18.73
N GLY A 79 -15.31 35.25 -18.28
CA GLY A 79 -14.24 34.60 -19.05
C GLY A 79 -12.84 35.01 -18.61
N LEU A 80 -12.66 35.28 -17.32
CA LEU A 80 -11.33 35.64 -16.79
C LEU A 80 -10.93 34.76 -15.62
N GLU A 81 -9.62 34.55 -15.48
CA GLU A 81 -9.07 33.66 -14.46
C GLU A 81 -9.34 34.20 -13.06
N ALA A 82 -9.87 33.34 -12.21
CA ALA A 82 -10.03 33.64 -10.79
C ALA A 82 -8.94 32.87 -10.06
N LEU A 83 -7.90 33.57 -9.63
CA LEU A 83 -6.72 32.93 -9.03
C LEU A 83 -6.80 32.79 -7.51
N GLY A 84 -5.94 31.92 -6.95
CA GLY A 84 -5.88 31.67 -5.50
C GLY A 84 -6.50 30.36 -5.04
N MET A 85 -6.37 30.08 -3.75
CA MET A 85 -6.86 28.82 -3.16
C MET A 85 -8.36 28.85 -3.00
N ASP A 86 -9.06 28.00 -3.76
CA ASP A 86 -10.53 27.99 -3.74
C ASP A 86 -11.12 27.05 -2.67
N ASP A 87 -10.30 26.14 -2.15
CA ASP A 87 -10.67 25.36 -0.97
C ASP A 87 -10.28 26.20 0.24
N PHE A 88 -11.29 26.87 0.81
CA PHE A 88 -11.05 27.91 1.82
C PHE A 88 -10.48 27.42 3.15
N LYS A 89 -10.80 26.18 3.55
CA LYS A 89 -10.22 25.65 4.78
C LYS A 89 -8.70 25.44 4.67
N LEU A 90 -8.21 25.13 3.46
CA LEU A 90 -6.76 25.09 3.23
C LEU A 90 -6.15 26.48 3.39
N ALA A 91 -6.86 27.51 2.91
CA ALA A 91 -6.39 28.88 3.08
C ALA A 91 -6.39 29.25 4.56
N TYR A 92 -7.48 28.87 5.25
CA TYR A 92 -7.61 29.10 6.68
C TYR A 92 -6.46 28.46 7.45
N LEU A 93 -6.19 27.18 7.20
CA LEU A 93 -5.06 26.50 7.84
C LEU A 93 -3.72 27.19 7.55
N SER A 94 -3.53 27.61 6.29
CA SER A 94 -2.29 28.28 5.90
C SER A 94 -2.11 29.63 6.60
N ASP A 95 -3.21 30.35 6.77
CA ASP A 95 -3.19 31.62 7.49
C ASP A 95 -3.01 31.42 8.99
N THR A 96 -3.69 30.43 9.55
CA THR A 96 -3.71 30.22 11.00
C THR A 96 -2.39 29.61 11.49
N TYR A 97 -1.78 28.77 10.67
CA TYR A 97 -0.56 28.03 11.03
C TYR A 97 0.54 28.35 10.02
N ASN A 98 1.02 29.59 10.10
CA ASN A 98 2.00 30.10 9.17
C ASN A 98 3.40 29.82 9.71
N TYR A 99 3.69 28.53 9.83
CA TYR A 99 4.94 28.00 10.36
C TYR A 99 4.90 26.49 10.22
N GLU A 100 6.04 25.83 10.38
CA GLU A 100 6.13 24.38 10.31
C GLU A 100 5.45 23.77 11.54
N ILE A 101 4.42 22.94 11.30
CA ILE A 101 3.64 22.40 12.41
C ILE A 101 4.40 21.32 13.18
N LYS A 102 4.62 21.58 14.46
CA LYS A 102 5.15 20.58 15.36
C LYS A 102 3.99 20.12 16.23
N TYR A 103 3.55 18.87 16.02
CA TYR A 103 2.36 18.37 16.71
C TYR A 103 2.74 17.35 17.79
N ASP A 104 1.89 17.22 18.80
CA ASP A 104 2.10 16.28 19.90
C ASP A 104 0.95 15.28 19.89
N HIS A 105 1.26 14.06 19.46
CA HIS A 105 0.24 13.02 19.25
C HIS A 105 -0.46 12.60 20.54
N THR A 106 0.21 12.74 21.68
CA THR A 106 -0.35 12.38 22.97
C THR A 106 -1.52 13.29 23.35
N LYS A 107 -1.63 14.42 22.66
CA LYS A 107 -2.74 15.36 22.85
C LYS A 107 -3.90 15.09 21.88
N ILE A 108 -3.68 14.21 20.92
CA ILE A 108 -4.69 13.95 19.87
C ILE A 108 -5.51 12.72 20.25
N ARG A 109 -6.82 12.88 20.32
CA ARG A 109 -7.69 11.78 20.72
C ARG A 109 -7.95 10.86 19.55
N VAL A 110 -7.32 9.68 19.60
CA VAL A 110 -7.50 8.66 18.58
C VAL A 110 -8.39 7.55 19.14
N ALA A 111 -9.51 7.32 18.46
CA ALA A 111 -10.51 6.37 18.93
C ALA A 111 -10.59 5.20 17.97
N ASN A 112 -10.52 3.99 18.54
CA ASN A 112 -10.66 2.75 17.80
CA ASN A 112 -10.67 2.75 17.80
C ASN A 112 -11.90 2.05 18.33
N PHE A 113 -12.87 1.77 17.46
CA PHE A 113 -14.07 1.10 17.94
C PHE A 113 -14.64 0.05 17.00
N ASP A 114 -15.57 -0.73 17.53
CA ASP A 114 -16.24 -1.77 16.79
C ASP A 114 -17.52 -2.09 17.53
N ILE A 115 -18.59 -2.40 16.79
CA ILE A 115 -19.89 -2.75 17.40
C ILE A 115 -20.32 -4.17 17.04
N GLU A 116 -21.18 -4.78 17.85
CA GLU A 116 -21.81 -6.04 17.48
C GLU A 116 -23.30 -5.83 17.34
N VAL A 117 -23.91 -6.56 16.41
CA VAL A 117 -25.34 -6.46 16.11
C VAL A 117 -25.85 -7.86 15.74
N THR A 118 -26.61 -8.49 16.65
CA THR A 118 -27.22 -9.78 16.36
C THR A 118 -28.33 -9.58 15.34
N SER A 119 -28.34 -10.42 14.30
CA SER A 119 -29.32 -10.33 13.24
C SER A 119 -29.76 -11.72 12.80
N PRO A 120 -31.00 -12.11 13.17
CA PRO A 120 -31.53 -13.43 12.80
C PRO A 120 -32.05 -13.51 11.34
N ASP A 121 -31.92 -12.42 10.58
CA ASP A 121 -32.39 -12.43 9.19
C ASP A 121 -31.38 -11.86 8.18
N GLY A 122 -30.15 -12.36 8.23
CA GLY A 122 -29.11 -11.95 7.29
C GLY A 122 -28.27 -10.80 7.80
N PHE A 123 -27.39 -10.30 6.94
CA PHE A 123 -26.48 -9.22 7.31
C PHE A 123 -27.24 -7.96 7.76
N PRO A 124 -26.82 -7.38 8.90
CA PRO A 124 -27.52 -6.20 9.44
C PRO A 124 -27.18 -4.91 8.68
N GLU A 125 -28.05 -4.53 7.73
CA GLU A 125 -27.79 -3.36 6.86
C GLU A 125 -27.75 -2.06 7.65
N PRO A 126 -26.64 -1.31 7.55
CA PRO A 126 -26.52 -0.05 8.28
C PRO A 126 -27.57 0.98 7.90
N SER A 127 -27.95 1.05 6.63
CA SER A 127 -28.95 2.02 6.19
C SER A 127 -30.31 1.76 6.82
N GLN A 128 -30.60 0.50 7.14
CA GLN A 128 -31.85 0.14 7.82
C GLN A 128 -31.71 0.14 9.34
N ALA A 129 -30.53 -0.23 9.84
CA ALA A 129 -30.29 -0.34 11.29
C ALA A 129 -31.53 -0.82 12.04
N LYS A 130 -32.05 -1.99 11.65
CA LYS A 130 -33.32 -2.46 12.20
C LYS A 130 -33.17 -3.39 13.40
N HIS A 131 -31.92 -3.74 13.73
CA HIS A 131 -31.63 -4.61 14.87
C HIS A 131 -30.88 -3.85 15.96
N PRO A 132 -31.04 -4.29 17.23
CA PRO A 132 -30.32 -3.64 18.35
C PRO A 132 -28.79 -3.75 18.27
N ILE A 133 -28.11 -2.65 18.57
CA ILE A 133 -26.68 -2.70 18.83
C ILE A 133 -26.48 -3.33 20.20
N ASP A 134 -25.81 -4.48 20.27
CA ASP A 134 -25.70 -5.20 21.54
C ASP A 134 -24.32 -5.26 22.17
N ALA A 135 -23.34 -4.65 21.51
CA ALA A 135 -22.01 -4.47 22.10
C ALA A 135 -21.31 -3.34 21.38
N ILE A 136 -20.57 -2.54 22.14
CA ILE A 136 -19.60 -1.58 21.59
C ILE A 136 -18.34 -1.65 22.43
N THR A 137 -17.19 -1.83 21.78
CA THR A 137 -15.91 -1.59 22.46
C THR A 137 -15.26 -0.40 21.79
N HIS A 138 -14.82 0.56 22.59
CA HIS A 138 -14.34 1.83 22.11
C HIS A 138 -13.06 2.12 22.88
N TYR A 139 -11.93 2.04 22.18
CA TYR A 139 -10.65 2.33 22.78
C TYR A 139 -10.30 3.81 22.58
N ASP A 140 -9.91 4.47 23.67
CA ASP A 140 -9.55 5.89 23.65
C ASP A 140 -8.06 6.00 23.89
N SER A 141 -7.33 6.60 22.94
CA SER A 141 -5.85 6.69 23.04
C SER A 141 -5.34 7.56 24.20
N ILE A 142 -6.13 8.54 24.61
CA ILE A 142 -5.72 9.45 25.69
C ILE A 142 -5.88 8.79 27.07
N ASP A 143 -7.00 8.13 27.28
CA ASP A 143 -7.21 7.33 28.49
C ASP A 143 -6.41 6.02 28.47
N ASP A 144 -6.08 5.55 27.28
CA ASP A 144 -5.52 4.20 27.10
C ASP A 144 -6.44 3.17 27.78
N ARG A 145 -7.73 3.27 27.51
CA ARG A 145 -8.73 2.36 28.10
C ARG A 145 -9.69 1.84 27.04
N PHE A 146 -10.09 0.58 27.20
CA PHE A 146 -11.13 -0.03 26.37
C PHE A 146 -12.45 0.11 27.11
N TYR A 147 -13.31 0.99 26.61
CA TYR A 147 -14.65 1.17 27.17
C TYR A 147 -15.62 0.22 26.49
N VAL A 148 -16.18 -0.69 27.29
CA VAL A 148 -17.02 -1.78 26.77
C VAL A 148 -18.47 -1.55 27.19
N PHE A 149 -19.36 -1.51 26.19
CA PHE A 149 -20.78 -1.27 26.40
C PHE A 149 -21.53 -2.54 26.04
N ASP A 150 -22.13 -3.17 27.04
CA ASP A 150 -22.68 -4.50 26.85
C ASP A 150 -24.17 -4.54 27.14
N LEU A 151 -24.94 -4.94 26.13
CA LEU A 151 -26.37 -5.06 26.27
C LEU A 151 -26.74 -6.41 26.84
N LEU A 152 -27.36 -6.40 28.02
CA LEU A 152 -27.76 -7.65 28.67
C LEU A 152 -29.11 -8.16 28.18
N ASN A 153 -30.03 -7.23 27.92
CA ASN A 153 -31.40 -7.59 27.53
C ASN A 153 -31.75 -7.11 26.13
N SER A 154 -32.16 -8.05 25.30
CA SER A 154 -32.47 -7.79 23.89
C SER A 154 -33.63 -8.66 23.46
N PRO A 155 -34.39 -8.23 22.43
CA PRO A 155 -35.46 -9.10 21.94
C PRO A 155 -34.91 -10.42 21.39
N TYR A 156 -33.60 -10.48 21.17
CA TYR A 156 -32.96 -11.72 20.71
C TYR A 156 -32.31 -12.50 21.83
N GLY A 157 -32.57 -12.09 23.07
CA GLY A 157 -32.14 -12.86 24.23
C GLY A 157 -31.62 -12.04 25.38
N ASN A 158 -31.87 -12.54 26.59
CA ASN A 158 -31.35 -11.96 27.82
C ASN A 158 -30.18 -12.77 28.35
N VAL A 159 -29.08 -12.09 28.65
CA VAL A 159 -27.84 -12.77 29.02
C VAL A 159 -27.28 -12.22 30.33
N GLU A 160 -26.33 -12.95 30.92
CA GLU A 160 -25.68 -12.51 32.14
C GLU A 160 -24.48 -11.62 31.81
N GLU A 161 -24.01 -10.88 32.81
CA GLU A 161 -22.82 -10.03 32.65
C GLU A 161 -21.61 -10.83 32.16
N TRP A 162 -20.77 -10.17 31.37
CA TRP A 162 -19.51 -10.73 30.92
C TRP A 162 -18.52 -10.83 32.08
N SER A 163 -17.75 -11.92 32.09
CA SER A 163 -16.78 -12.15 33.16
C SER A 163 -15.36 -11.89 32.69
N ILE A 164 -14.71 -10.91 33.31
CA ILE A 164 -13.30 -10.61 32.99
C ILE A 164 -12.37 -11.75 33.43
N GLU A 165 -12.77 -12.49 34.46
CA GLU A 165 -11.99 -13.62 34.99
C GLU A 165 -11.91 -14.75 33.97
N ILE A 166 -13.05 -15.10 33.40
CA ILE A 166 -13.11 -16.12 32.37
C ILE A 166 -12.45 -15.62 31.07
N ALA A 167 -12.62 -14.34 30.78
CA ALA A 167 -12.05 -13.72 29.58
C ALA A 167 -10.54 -13.88 29.51
N ALA A 168 -9.88 -13.74 30.67
CA ALA A 168 -8.42 -13.76 30.79
C ALA A 168 -7.85 -15.17 30.72
N LYS A 169 -8.65 -16.17 31.10
CA LYS A 169 -8.22 -17.57 31.08
C LYS A 169 -7.84 -18.03 29.67
N LEU A 170 -6.91 -18.98 29.58
CA LEU A 170 -6.59 -19.64 28.32
C LEU A 170 -7.85 -20.26 27.69
N GLN A 171 -7.88 -20.31 26.37
CA GLN A 171 -8.96 -20.95 25.62
C GLN A 171 -9.00 -22.45 25.93
N GLU A 172 -7.82 -23.05 26.04
CA GLU A 172 -7.70 -24.45 26.45
C GLU A 172 -8.27 -24.69 27.86
N GLN A 173 -8.49 -23.62 28.63
CA GLN A 173 -9.17 -23.75 29.93
C GLN A 173 -10.58 -23.16 29.92
N GLY A 174 -11.19 -23.09 28.73
CA GLY A 174 -12.56 -22.60 28.58
C GLY A 174 -12.69 -21.08 28.60
N GLY A 175 -11.57 -20.38 28.66
CA GLY A 175 -11.58 -18.91 28.66
C GLY A 175 -11.51 -18.33 27.27
N ASP A 176 -11.21 -17.04 27.19
CA ASP A 176 -11.21 -16.36 25.91
C ASP A 176 -9.84 -15.88 25.47
N GLU A 177 -8.85 -16.01 26.35
CA GLU A 177 -7.51 -15.48 26.14
C GLU A 177 -7.51 -14.02 25.70
N VAL A 178 -8.29 -13.18 26.37
CA VAL A 178 -8.14 -11.74 26.21
C VAL A 178 -6.73 -11.42 26.73
N PRO A 179 -5.87 -10.84 25.87
CA PRO A 179 -4.46 -10.63 26.22
C PRO A 179 -4.27 -9.97 27.57
N SER A 180 -3.38 -10.53 28.38
CA SER A 180 -3.18 -10.07 29.76
C SER A 180 -2.82 -8.58 29.87
N GLU A 181 -2.08 -8.07 28.88
CA GLU A 181 -1.63 -6.66 28.90
C GLU A 181 -2.76 -5.64 28.67
N ILE A 182 -3.98 -6.10 28.39
CA ILE A 182 -5.12 -5.17 28.28
C ILE A 182 -6.22 -5.40 29.33
N ILE A 183 -6.13 -6.51 30.04
CA ILE A 183 -7.10 -6.86 31.08
C ILE A 183 -7.36 -5.69 32.03
N ASP A 184 -6.29 -5.08 32.54
CA ASP A 184 -6.41 -3.97 33.49
C ASP A 184 -6.83 -2.65 32.84
N LYS A 185 -6.99 -2.66 31.51
CA LYS A 185 -7.33 -1.44 30.78
C LYS A 185 -8.78 -1.44 30.31
N ILE A 186 -9.52 -2.49 30.68
CA ILE A 186 -10.92 -2.62 30.29
C ILE A 186 -11.83 -1.96 31.33
N ILE A 187 -12.73 -1.10 30.86
CA ILE A 187 -13.76 -0.51 31.70
C ILE A 187 -15.10 -1.04 31.19
N TYR A 188 -15.72 -1.92 31.98
CA TYR A 188 -16.90 -2.67 31.56
C TYR A 188 -18.20 -2.04 32.09
N MET A 189 -19.15 -1.85 31.18
CA MET A 189 -20.41 -1.19 31.50
C MET A 189 -21.57 -1.97 30.92
N PRO A 190 -22.25 -2.77 31.77
CA PRO A 190 -23.41 -3.54 31.31
C PRO A 190 -24.66 -2.65 31.31
N PHE A 191 -25.59 -2.91 30.38
CA PHE A 191 -26.85 -2.16 30.30
C PHE A 191 -28.02 -3.11 30.17
N ASP A 192 -29.15 -2.76 30.78
CA ASP A 192 -30.35 -3.58 30.76
C ASP A 192 -31.29 -3.26 29.59
N ASN A 193 -31.04 -2.17 28.89
CA ASN A 193 -31.78 -1.84 27.66
C ASN A 193 -30.95 -0.97 26.73
N GLU A 194 -31.25 -1.07 25.44
CA GLU A 194 -30.47 -0.45 24.38
C GLU A 194 -30.47 1.07 24.43
N LYS A 195 -31.61 1.64 24.82
CA LYS A 195 -31.76 3.09 24.89
C LYS A 195 -30.76 3.71 25.85
N GLU A 196 -30.62 3.11 27.04
CA GLU A 196 -29.65 3.57 28.03
C GLU A 196 -28.22 3.35 27.52
N LEU A 197 -27.94 2.17 26.99
CA LEU A 197 -26.65 1.92 26.33
C LEU A 197 -26.31 3.05 25.35
N LEU A 198 -27.22 3.33 24.42
CA LEU A 198 -26.98 4.34 23.39
C LEU A 198 -26.90 5.77 23.95
N MET A 199 -27.80 6.14 24.86
CA MET A 199 -27.73 7.48 25.45
CA MET A 199 -27.76 7.46 25.50
C MET A 199 -26.40 7.66 26.18
N GLU A 200 -25.97 6.66 26.93
CA GLU A 200 -24.70 6.73 27.63
C GLU A 200 -23.52 6.80 26.66
N TYR A 201 -23.59 6.04 25.57
CA TYR A 201 -22.52 6.07 24.56
C TYR A 201 -22.33 7.47 23.99
N LEU A 202 -23.44 8.12 23.65
CA LEU A 202 -23.41 9.50 23.18
C LEU A 202 -22.86 10.49 24.19
N ASN A 203 -23.26 10.32 25.46
CA ASN A 203 -22.73 11.16 26.53
C ASN A 203 -21.23 10.97 26.70
N PHE A 204 -20.81 9.71 26.69
CA PHE A 204 -19.40 9.33 26.68
C PHE A 204 -18.67 9.98 25.49
N TRP A 205 -19.26 9.86 24.31
CA TRP A 205 -18.74 10.43 23.06
C TRP A 205 -18.49 11.95 23.19
N GLN A 206 -19.39 12.63 23.92
CA GLN A 206 -19.32 14.07 24.08
C GLN A 206 -18.14 14.45 24.96
N GLN A 207 -17.91 13.65 26.01
CA GLN A 207 -16.79 13.83 26.93
C GLN A 207 -15.46 13.45 26.27
N LYS A 208 -15.48 12.46 25.38
CA LYS A 208 -14.28 11.96 24.74
C LYS A 208 -14.45 11.90 23.21
N THR A 209 -14.53 13.09 22.60
CA THR A 209 -14.87 13.21 21.18
C THR A 209 -13.69 12.85 20.30
N PRO A 210 -13.82 11.74 19.55
CA PRO A 210 -12.72 11.36 18.66
C PRO A 210 -12.27 12.53 17.78
N VAL A 211 -10.96 12.63 17.55
CA VAL A 211 -10.42 13.52 16.52
C VAL A 211 -10.13 12.65 15.30
N ILE A 212 -9.29 11.64 15.50
CA ILE A 212 -9.09 10.58 14.53
C ILE A 212 -9.99 9.42 14.94
N LEU A 213 -10.86 8.99 14.03
CA LEU A 213 -11.76 7.87 14.30
C LEU A 213 -11.36 6.70 13.40
N THR A 214 -11.02 5.56 13.99
CA THR A 214 -10.61 4.42 13.18
C THR A 214 -11.14 3.10 13.73
N GLY A 215 -10.69 2.01 13.13
CA GLY A 215 -11.21 0.68 13.40
C GLY A 215 -11.32 -0.07 12.08
N TRP A 216 -11.90 -1.27 12.12
CA TRP A 216 -11.94 -2.11 10.93
C TRP A 216 -13.29 -2.05 10.27
N ASN A 217 -13.34 -1.47 9.08
CA ASN A 217 -14.61 -1.28 8.36
C ASN A 217 -15.58 -0.30 9.01
N VAL A 218 -15.08 0.59 9.86
CA VAL A 218 -15.91 1.56 10.58
C VAL A 218 -16.75 2.45 9.65
N GLU A 219 -16.19 2.78 8.49
CA GLU A 219 -16.81 3.71 7.56
C GLU A 219 -18.02 3.11 6.86
N SER A 220 -17.94 1.82 6.55
CA SER A 220 -19.02 1.16 5.82
C SER A 220 -19.96 0.34 6.72
N PHE A 221 -19.56 0.09 7.96
CA PHE A 221 -20.44 -0.62 8.89
C PHE A 221 -20.71 0.10 10.20
N ALA A 222 -19.72 0.16 11.09
CA ALA A 222 -19.92 0.67 12.46
C ALA A 222 -20.51 2.07 12.50
N ILE A 223 -19.87 3.02 11.83
CA ILE A 223 -20.31 4.42 11.85
C ILE A 223 -21.75 4.58 11.31
N PRO A 224 -22.00 4.12 10.06
CA PRO A 224 -23.36 4.27 9.57
C PRO A 224 -24.40 3.48 10.37
N TYR A 225 -24.04 2.31 10.92
CA TYR A 225 -24.99 1.58 11.76
C TYR A 225 -25.33 2.35 13.04
N VAL A 226 -24.30 2.86 13.72
CA VAL A 226 -24.52 3.63 14.95
C VAL A 226 -25.36 4.87 14.67
N TYR A 227 -24.96 5.62 13.65
CA TYR A 227 -25.73 6.79 13.22
C TYR A 227 -27.20 6.45 12.95
N ASN A 228 -27.45 5.48 12.08
CA ASN A 228 -28.83 5.15 11.73
C ASN A 228 -29.64 4.53 12.84
N ARG A 229 -29.00 3.76 13.71
CA ARG A 229 -29.70 3.16 14.84
C ARG A 229 -30.17 4.25 15.82
N ILE A 230 -29.26 5.16 16.15
CA ILE A 230 -29.60 6.32 16.97
C ILE A 230 -30.69 7.16 16.30
N LYS A 231 -30.54 7.46 15.00
CA LYS A 231 -31.58 8.17 14.25
C LYS A 231 -32.98 7.54 14.40
N ASN A 232 -33.05 6.23 14.23
CA ASN A 232 -34.31 5.48 14.29
C ASN A 232 -34.96 5.46 15.67
N ILE A 233 -34.14 5.40 16.71
CA ILE A 233 -34.66 5.35 18.07
C ILE A 233 -35.00 6.74 18.63
N PHE A 234 -34.07 7.69 18.47
CA PHE A 234 -34.18 9.01 19.13
C PHE A 234 -34.50 10.16 18.17
N GLY A 235 -34.25 9.98 16.88
CA GLY A 235 -34.45 11.05 15.91
C GLY A 235 -33.11 11.53 15.37
N GLU A 236 -33.15 12.13 14.19
CA GLU A 236 -31.95 12.52 13.47
C GLU A 236 -31.05 13.53 14.21
N SER A 237 -31.63 14.49 14.92
CA SER A 237 -30.79 15.48 15.60
C SER A 237 -30.05 14.90 16.81
N THR A 238 -30.59 13.85 17.41
CA THR A 238 -29.83 13.09 18.41
C THR A 238 -28.63 12.39 17.74
N ALA A 239 -28.86 11.74 16.61
CA ALA A 239 -27.79 11.08 15.84
C ALA A 239 -26.67 12.05 15.43
N LYS A 240 -27.06 13.30 15.18
CA LYS A 240 -26.12 14.36 14.84
C LYS A 240 -25.16 14.75 15.98
N ARG A 241 -25.42 14.26 17.19
CA ARG A 241 -24.53 14.49 18.32
C ARG A 241 -23.19 13.77 18.15
N LEU A 242 -23.14 12.86 17.18
CA LEU A 242 -21.89 12.19 16.82
C LEU A 242 -20.90 13.17 16.14
N SER A 243 -21.42 14.24 15.57
CA SER A 243 -20.59 15.34 15.07
C SER A 243 -20.49 16.42 16.14
N PRO A 244 -19.25 16.85 16.47
CA PRO A 244 -19.08 17.93 17.44
C PRO A 244 -19.66 19.28 16.98
N HIS A 245 -19.91 19.42 15.68
CA HIS A 245 -20.54 20.63 15.14
C HIS A 245 -22.00 20.38 14.77
N ARG A 246 -22.49 19.18 15.10
CA ARG A 246 -23.88 18.75 14.86
C ARG A 246 -24.27 18.83 13.39
N LYS A 247 -23.32 18.50 12.52
CA LYS A 247 -23.58 18.48 11.10
C LYS A 247 -23.04 17.21 10.48
N THR A 248 -23.89 16.55 9.71
CA THR A 248 -23.52 15.34 9.00
C THR A 248 -23.98 15.44 7.56
N ARG A 249 -23.37 14.62 6.69
CA ARG A 249 -23.86 14.45 5.34
C ARG A 249 -24.00 12.95 5.08
N VAL A 250 -25.11 12.58 4.46
CA VAL A 250 -25.38 11.19 4.15
C VAL A 250 -25.20 10.96 2.65
N LYS A 251 -24.27 10.06 2.31
CA LYS A 251 -24.06 9.66 0.92
C LYS A 251 -24.66 8.27 0.67
N VAL A 252 -25.77 8.24 -0.07
CA VAL A 252 -26.46 6.99 -0.42
C VAL A 252 -25.93 6.43 -1.73
N ILE A 253 -24.99 5.49 -1.63
CA ILE A 253 -24.42 4.83 -2.81
C ILE A 253 -25.34 3.70 -3.27
N GLU A 254 -25.64 3.67 -4.56
CA GLU A 254 -26.62 2.74 -5.10
C GLU A 254 -26.00 1.38 -5.47
N ASN A 255 -26.12 0.44 -4.54
CA ASN A 255 -25.63 -0.92 -4.74
C ASN A 255 -26.56 -1.74 -5.64
N MET A 256 -27.81 -1.30 -5.73
CA MET A 256 -28.88 -2.00 -6.48
C MET A 256 -29.16 -3.40 -5.96
N TYR A 257 -30.17 -3.51 -5.10
CA TYR A 257 -30.56 -4.75 -4.42
C TYR A 257 -29.48 -5.19 -3.41
N GLY A 258 -29.36 -4.50 -2.28
CA GLY A 258 -30.16 -3.31 -1.95
C GLY A 258 -29.37 -2.03 -2.12
N SER A 259 -29.18 -1.29 -1.03
CA SER A 259 -28.38 -0.05 -1.04
C SER A 259 -27.70 0.22 0.31
N ARG A 260 -26.62 0.99 0.27
CA ARG A 260 -25.86 1.35 1.47
C ARG A 260 -25.51 2.84 1.51
N GLU A 261 -24.97 3.30 2.63
CA GLU A 261 -24.63 4.73 2.80
C GLU A 261 -23.37 5.01 3.63
N ILE A 262 -22.70 6.11 3.28
CA ILE A 262 -21.55 6.61 4.03
C ILE A 262 -21.95 7.92 4.72
N ILE A 263 -21.66 8.01 6.02
CA ILE A 263 -21.99 9.20 6.80
C ILE A 263 -20.72 10.03 7.01
N THR A 264 -20.78 11.30 6.61
CA THR A 264 -19.72 12.24 6.93
C THR A 264 -20.04 12.92 8.25
N LEU A 265 -19.14 12.77 9.23
CA LEU A 265 -19.27 13.41 10.54
C LEU A 265 -18.37 14.63 10.59
N PHE A 266 -18.96 15.81 10.44
CA PHE A 266 -18.21 17.06 10.42
C PHE A 266 -17.50 17.25 11.76
N GLY A 267 -16.21 17.56 11.71
CA GLY A 267 -15.41 17.79 12.91
C GLY A 267 -14.71 16.55 13.44
N ILE A 268 -14.85 15.44 12.71
CA ILE A 268 -14.10 14.21 12.96
C ILE A 268 -13.31 13.84 11.72
N SER A 269 -12.12 13.25 11.90
CA SER A 269 -11.34 12.74 10.77
C SER A 269 -11.38 11.21 10.82
N VAL A 270 -12.20 10.61 9.94
CA VAL A 270 -12.34 9.17 9.87
C VAL A 270 -11.25 8.58 8.97
N LEU A 271 -10.43 7.70 9.55
CA LEU A 271 -9.40 6.95 8.82
C LEU A 271 -9.65 5.47 9.06
N ASP A 272 -10.56 4.90 8.29
CA ASP A 272 -10.91 3.50 8.39
C ASP A 272 -9.64 2.66 8.18
N TYR A 273 -9.31 1.79 9.13
CA TYR A 273 -8.02 1.12 9.07
C TYR A 273 -7.88 0.24 7.84
N ILE A 274 -9.00 -0.29 7.34
CA ILE A 274 -8.96 -1.08 6.11
C ILE A 274 -8.42 -0.24 4.93
N ASP A 275 -8.85 1.02 4.86
CA ASP A 275 -8.44 1.96 3.80
C ASP A 275 -6.98 2.38 3.98
N LEU A 276 -6.59 2.65 5.22
CA LEU A 276 -5.18 2.88 5.55
C LEU A 276 -4.34 1.67 5.12
N TYR A 277 -4.82 0.47 5.45
CA TYR A 277 -4.08 -0.75 5.12
C TYR A 277 -3.92 -0.88 3.60
N LYS A 278 -5.02 -0.75 2.85
CA LYS A 278 -4.95 -0.87 1.39
C LYS A 278 -4.04 0.17 0.72
N LYS A 279 -4.07 1.40 1.21
CA LYS A 279 -3.23 2.46 0.64
C LYS A 279 -1.74 2.36 1.01
N PHE A 280 -1.46 1.98 2.25
CA PHE A 280 -0.11 2.14 2.82
C PHE A 280 0.71 0.87 3.00
N SER A 281 0.08 -0.30 2.86
CA SER A 281 0.74 -1.55 3.23
C SER A 281 1.50 -2.18 2.08
N PHE A 282 1.10 -1.85 0.85
CA PHE A 282 1.65 -2.46 -0.37
C PHE A 282 1.64 -3.98 -0.35
N THR A 283 0.53 -4.51 0.15
CA THR A 283 0.22 -5.92 0.02
C THR A 283 -1.05 -5.96 -0.81
N ASN A 284 -1.32 -7.09 -1.45
CA ASN A 284 -2.61 -7.34 -2.04
CA ASN A 284 -2.66 -7.33 -1.97
C ASN A 284 -3.16 -8.66 -1.48
N GLN A 285 -4.12 -8.57 -0.58
CA GLN A 285 -4.63 -9.72 0.13
C GLN A 285 -5.79 -10.41 -0.58
N PRO A 286 -5.86 -11.75 -0.46
CA PRO A 286 -7.02 -12.46 -0.98
C PRO A 286 -8.27 -12.20 -0.14
N SER A 287 -8.10 -11.69 1.09
CA SER A 287 -9.20 -11.42 2.00
C SER A 287 -8.86 -10.23 2.87
N TYR A 288 -9.88 -9.46 3.23
CA TYR A 288 -9.71 -8.30 4.12
C TYR A 288 -10.54 -8.39 5.40
N SER A 289 -10.90 -9.61 5.79
CA SER A 289 -11.44 -9.84 7.11
C SER A 289 -10.33 -9.54 8.12
N LEU A 290 -10.72 -9.04 9.29
CA LEU A 290 -9.75 -8.75 10.34
C LEU A 290 -8.99 -9.99 10.83
N ASP A 291 -9.67 -11.14 10.88
CA ASP A 291 -9.01 -12.40 11.23
C ASP A 291 -7.87 -12.72 10.27
N TYR A 292 -8.14 -12.60 8.96
CA TYR A 292 -7.14 -12.88 7.94
C TYR A 292 -5.97 -11.93 8.04
N ILE A 293 -6.26 -10.64 8.15
CA ILE A 293 -5.19 -9.65 8.19
C ILE A 293 -4.36 -9.80 9.48
N SER A 294 -5.03 -9.98 10.62
CA SER A 294 -4.35 -10.14 11.92
C SER A 294 -3.42 -11.33 11.91
N GLU A 295 -3.92 -12.45 11.36
CA GLU A 295 -3.11 -13.65 11.24
C GLU A 295 -1.90 -13.37 10.36
N PHE A 296 -2.12 -12.68 9.24
CA PHE A 296 -1.04 -12.31 8.33
C PHE A 296 0.01 -11.39 8.96
N GLU A 297 -0.46 -10.36 9.67
CA GLU A 297 0.42 -9.31 10.20
C GLU A 297 1.09 -9.70 11.52
N LEU A 298 0.37 -10.45 12.34
CA LEU A 298 0.75 -10.70 13.74
C LEU A 298 0.97 -12.18 14.08
N ASN A 299 0.59 -13.07 13.17
CA ASN A 299 0.71 -14.53 13.37
C ASN A 299 -0.11 -15.02 14.58
N VAL A 300 -1.18 -14.31 14.89
CA VAL A 300 -2.13 -14.76 15.90
C VAL A 300 -3.19 -15.63 15.24
N GLY A 301 -3.70 -16.62 15.97
CA GLY A 301 -4.71 -17.54 15.44
C GLY A 301 -6.06 -16.87 15.24
N LYS A 302 -6.87 -17.44 14.35
CA LYS A 302 -8.23 -16.96 14.09
C LYS A 302 -9.10 -17.09 15.34
N LEU A 303 -9.95 -16.09 15.59
CA LEU A 303 -10.88 -16.16 16.74
C LEU A 303 -11.93 -17.23 16.51
N LYS A 304 -11.82 -18.34 17.24
CA LYS A 304 -12.69 -19.50 17.05
C LYS A 304 -13.96 -19.42 17.90
N TYR A 305 -15.08 -19.78 17.28
CA TYR A 305 -16.34 -19.99 18.01
C TYR A 305 -17.19 -21.02 17.28
N ASP A 306 -18.14 -21.62 18.00
CA ASP A 306 -19.00 -22.64 17.43
C ASP A 306 -20.30 -22.02 16.90
N GLY A 307 -20.75 -22.49 15.74
CA GLY A 307 -22.01 -22.04 15.16
C GLY A 307 -21.99 -20.64 14.56
N PRO A 308 -23.11 -20.23 13.95
CA PRO A 308 -23.20 -18.95 13.23
C PRO A 308 -23.12 -17.77 14.18
N ILE A 309 -22.62 -16.64 13.66
CA ILE A 309 -22.43 -15.44 14.47
C ILE A 309 -23.75 -14.87 15.00
N SER A 310 -24.85 -15.10 14.28
CA SER A 310 -26.19 -14.70 14.72
C SER A 310 -26.68 -15.46 15.97
N LYS A 311 -26.01 -16.56 16.30
CA LYS A 311 -26.35 -17.32 17.51
C LYS A 311 -25.29 -17.26 18.59
N LEU A 312 -24.22 -16.49 18.36
CA LEU A 312 -23.10 -16.43 19.27
C LEU A 312 -23.44 -15.74 20.59
N ARG A 313 -24.16 -14.62 20.51
CA ARG A 313 -24.56 -13.90 21.71
C ARG A 313 -25.41 -14.75 22.65
N GLU A 314 -26.42 -15.44 22.11
CA GLU A 314 -27.31 -16.25 22.96
C GLU A 314 -26.64 -17.51 23.48
N SER A 315 -25.85 -18.18 22.64
CA SER A 315 -25.19 -19.41 23.04
C SER A 315 -23.95 -19.15 23.91
N ASN A 316 -23.22 -18.09 23.60
CA ASN A 316 -21.96 -17.81 24.30
C ASN A 316 -21.64 -16.32 24.40
N HIS A 317 -22.46 -15.61 25.16
CA HIS A 317 -22.31 -14.19 25.35
C HIS A 317 -20.94 -13.84 25.92
N GLN A 318 -20.42 -14.70 26.77
CA GLN A 318 -19.08 -14.53 27.34
C GLN A 318 -18.05 -14.31 26.22
N ARG A 319 -18.04 -15.23 25.25
CA ARG A 319 -17.08 -15.18 24.16
C ARG A 319 -17.37 -14.02 23.19
N TYR A 320 -18.66 -13.77 22.99
CA TYR A 320 -19.17 -12.71 22.12
C TYR A 320 -18.56 -11.35 22.45
N ILE A 321 -18.58 -11.00 23.74
CA ILE A 321 -18.02 -9.74 24.22
C ILE A 321 -16.49 -9.73 24.18
N SER A 322 -15.88 -10.85 24.56
CA SER A 322 -14.42 -10.97 24.53
C SER A 322 -13.86 -10.75 23.13
N TYR A 323 -14.53 -11.33 22.13
CA TYR A 323 -14.15 -11.23 20.73
C TYR A 323 -14.36 -9.84 20.17
N ASN A 324 -15.36 -9.12 20.71
CA ASN A 324 -15.56 -7.71 20.38
C ASN A 324 -14.39 -6.86 20.88
N ILE A 325 -13.98 -7.13 22.11
CA ILE A 325 -12.81 -6.47 22.70
C ILE A 325 -11.52 -6.75 21.91
N ILE A 326 -11.23 -8.04 21.68
CA ILE A 326 -9.99 -8.47 21.03
C ILE A 326 -9.88 -7.90 19.61
N ALA A 327 -11.00 -7.88 18.89
CA ALA A 327 -11.04 -7.29 17.55
C ALA A 327 -10.59 -5.82 17.55
N VAL A 328 -11.03 -5.05 18.53
CA VAL A 328 -10.58 -3.66 18.66
C VAL A 328 -9.08 -3.64 18.93
N TYR A 329 -8.64 -4.48 19.85
CA TYR A 329 -7.22 -4.56 20.18
C TYR A 329 -6.33 -4.97 18.99
N ARG A 330 -6.82 -5.92 18.18
CA ARG A 330 -6.05 -6.38 17.02
C ARG A 330 -5.68 -5.26 16.04
N VAL A 331 -6.59 -4.32 15.82
CA VAL A 331 -6.32 -3.15 14.97
C VAL A 331 -5.18 -2.32 15.60
N LEU A 332 -5.23 -2.12 16.92
CA LEU A 332 -4.17 -1.41 17.62
C LEU A 332 -2.83 -2.12 17.48
N GLN A 333 -2.85 -3.45 17.55
CA GLN A 333 -1.65 -4.26 17.39
C GLN A 333 -1.08 -4.13 15.98
N ILE A 334 -1.95 -4.14 14.97
CA ILE A 334 -1.52 -3.97 13.60
C ILE A 334 -0.89 -2.59 13.45
N ASP A 335 -1.53 -1.57 14.05
CA ASP A 335 -0.97 -0.22 13.97
C ASP A 335 0.34 -0.05 14.72
N ALA A 336 0.50 -0.70 15.87
CA ALA A 336 1.77 -0.64 16.59
C ALA A 336 2.89 -1.17 15.70
N LYS A 337 2.56 -2.17 14.88
CA LYS A 337 3.53 -2.72 13.92
C LYS A 337 3.74 -1.81 12.71
N ARG A 338 2.65 -1.47 12.02
CA ARG A 338 2.71 -0.79 10.72
C ARG A 338 2.86 0.72 10.80
N GLN A 339 2.26 1.32 11.84
CA GLN A 339 2.37 2.75 12.11
C GLN A 339 1.75 3.65 11.04
N PHE A 340 0.58 3.26 10.54
CA PHE A 340 -0.11 4.04 9.53
C PHE A 340 -0.76 5.32 10.09
N ILE A 341 -1.22 5.28 11.34
CA ILE A 341 -1.83 6.47 11.96
C ILE A 341 -0.75 7.56 12.13
N ASN A 342 0.41 7.17 12.66
CA ASN A 342 1.59 8.05 12.73
C ASN A 342 1.92 8.65 11.36
N LEU A 343 1.98 7.80 10.34
CA LEU A 343 2.25 8.25 8.97
C LEU A 343 1.22 9.28 8.56
N SER A 344 -0.06 8.97 8.79
CA SER A 344 -1.15 9.86 8.38
C SER A 344 -1.02 11.24 9.05
N LEU A 345 -0.79 11.23 10.35
CA LEU A 345 -0.57 12.48 11.09
C LEU A 345 0.63 13.23 10.52
N ASP A 346 1.76 12.52 10.32
CA ASP A 346 2.96 13.13 9.76
C ASP A 346 2.64 13.85 8.48
N MET A 347 2.02 13.14 7.54
CA MET A 347 1.76 13.68 6.21
C MET A 347 0.72 14.80 6.24
N GLY A 348 -0.34 14.61 7.02
CA GLY A 348 -1.40 15.60 7.12
C GLY A 348 -0.88 16.95 7.60
N TYR A 349 -0.15 16.94 8.72
CA TYR A 349 0.38 18.17 9.28
C TYR A 349 1.47 18.79 8.41
N TYR A 350 2.28 17.96 7.77
CA TYR A 350 3.25 18.44 6.79
C TYR A 350 2.58 19.21 5.64
N ALA A 351 1.49 18.64 5.10
CA ALA A 351 0.76 19.28 3.99
C ALA A 351 -0.13 20.46 4.42
N LYS A 352 -0.53 20.48 5.70
CA LYS A 352 -1.55 21.37 6.23
C LYS A 352 -2.92 21.09 5.60
N ILE A 353 -3.37 19.85 5.76
CA ILE A 353 -4.65 19.41 5.23
C ILE A 353 -5.46 18.72 6.33
N GLN A 354 -6.76 18.55 6.09
CA GLN A 354 -7.54 17.63 6.90
C GLN A 354 -6.80 16.29 6.88
N ILE A 355 -6.71 15.63 8.02
CA ILE A 355 -5.93 14.41 8.10
C ILE A 355 -6.43 13.35 7.11
N GLN A 356 -7.75 13.27 6.94
CA GLN A 356 -8.33 12.27 6.01
C GLN A 356 -7.95 12.51 4.54
N SER A 357 -7.43 13.70 4.24
CA SER A 357 -6.99 14.01 2.87
C SER A 357 -5.63 13.38 2.51
N VAL A 358 -5.01 12.64 3.45
CA VAL A 358 -3.82 11.86 3.11
C VAL A 358 -4.14 10.77 2.08
N PHE A 359 -5.41 10.39 1.99
CA PHE A 359 -5.84 9.43 0.96
C PHE A 359 -5.73 9.99 -0.45
N SER A 360 -5.62 11.31 -0.59
CA SER A 360 -5.57 11.96 -1.91
C SER A 360 -4.23 12.67 -2.13
N PRO A 361 -3.35 12.06 -2.96
CA PRO A 361 -2.06 12.69 -3.33
C PRO A 361 -2.23 14.04 -4.01
N ILE A 362 -3.31 14.20 -4.78
CA ILE A 362 -3.59 15.48 -5.45
C ILE A 362 -3.92 16.57 -4.43
N LYS A 363 -4.78 16.26 -3.47
CA LYS A 363 -5.10 17.23 -2.42
C LYS A 363 -3.85 17.57 -1.57
N THR A 364 -3.09 16.54 -1.23
CA THR A 364 -1.86 16.66 -0.44
C THR A 364 -0.85 17.58 -1.14
N TRP A 365 -0.60 17.33 -2.42
CA TRP A 365 0.30 18.15 -3.20
C TRP A 365 -0.24 19.55 -3.50
N ASP A 366 -1.54 19.68 -3.74
CA ASP A 366 -2.12 21.01 -3.93
C ASP A 366 -1.81 21.91 -2.71
N ALA A 367 -2.05 21.38 -1.52
CA ALA A 367 -1.77 22.05 -0.27
C ALA A 367 -0.28 22.40 -0.06
N ILE A 368 0.60 21.42 -0.29
CA ILE A 368 2.05 21.62 -0.14
C ILE A 368 2.55 22.75 -1.06
N ILE A 369 2.18 22.66 -2.33
CA ILE A 369 2.58 23.65 -3.34
C ILE A 369 1.95 25.03 -3.05
N PHE A 370 0.68 25.05 -2.66
CA PHE A 370 0.01 26.30 -2.27
C PHE A 370 0.77 26.98 -1.13
N ASN A 371 1.03 26.25 -0.06
CA ASN A 371 1.75 26.81 1.10
C ASN A 371 3.14 27.32 0.73
N SER A 372 3.84 26.56 -0.11
CA SER A 372 5.18 26.95 -0.57
C SER A 372 5.15 28.26 -1.37
N LEU A 373 4.23 28.35 -2.31
CA LEU A 373 4.09 29.55 -3.14
C LEU A 373 3.58 30.76 -2.34
N LYS A 374 2.65 30.53 -1.40
CA LYS A 374 2.09 31.60 -0.59
C LYS A 374 3.17 32.31 0.22
N GLU A 375 4.14 31.53 0.71
CA GLU A 375 5.32 32.03 1.40
C GLU A 375 6.15 33.06 0.62
N GLN A 376 6.15 32.95 -0.70
CA GLN A 376 6.81 33.93 -1.57
C GLN A 376 5.80 34.92 -2.14
N ASN A 377 4.69 35.15 -1.42
CA ASN A 377 3.59 36.01 -1.90
C ASN A 377 3.10 35.73 -3.33
N LYS A 378 3.36 34.51 -3.80
CA LYS A 378 2.94 34.11 -5.14
C LYS A 378 1.49 33.60 -5.12
N VAL A 379 0.82 33.72 -6.25
CA VAL A 379 -0.61 33.42 -6.35
C VAL A 379 -0.82 32.20 -7.25
N ILE A 380 -1.48 31.17 -6.71
CA ILE A 380 -1.69 29.92 -7.45
C ILE A 380 -2.70 30.06 -8.60
N PRO A 381 -2.52 29.28 -9.68
CA PRO A 381 -3.42 29.39 -10.82
C PRO A 381 -4.78 28.76 -10.55
N GLN A 382 -5.79 29.22 -11.26
CA GLN A 382 -7.10 28.60 -11.17
C GLN A 382 -7.07 27.21 -11.80
N GLY A 383 -7.73 26.25 -11.16
CA GLY A 383 -7.92 24.94 -11.77
C GLY A 383 -8.80 25.05 -13.01
N ARG A 384 -8.45 24.28 -14.05
CA ARG A 384 -9.17 24.33 -15.32
C ARG A 384 -9.64 22.93 -15.73
N SER A 385 -10.58 22.89 -16.66
CA SER A 385 -11.12 21.63 -17.17
C SER A 385 -10.19 21.08 -18.27
N HIS A 386 -9.95 19.78 -18.26
CA HIS A 386 -9.17 19.14 -19.33
C HIS A 386 -9.78 17.81 -19.78
N PRO A 387 -9.79 17.56 -21.10
CA PRO A 387 -10.21 16.23 -21.54
C PRO A 387 -9.16 15.17 -21.15
N VAL A 388 -9.59 13.95 -20.87
CA VAL A 388 -8.65 12.87 -20.58
C VAL A 388 -7.97 12.48 -21.89
N GLN A 389 -6.64 12.42 -21.85
CA GLN A 389 -5.83 12.08 -23.02
C GLN A 389 -4.73 11.08 -22.63
N PRO A 390 -4.72 9.89 -23.27
CA PRO A 390 -3.62 8.97 -23.02
C PRO A 390 -2.28 9.61 -23.36
N TYR A 391 -1.23 9.25 -22.63
CA TYR A 391 0.11 9.72 -22.93
C TYR A 391 1.15 8.63 -22.69
N PRO A 392 2.34 8.74 -23.34
CA PRO A 392 3.39 7.72 -23.24
C PRO A 392 4.06 7.61 -21.87
N GLY A 393 4.35 6.37 -21.47
CA GLY A 393 5.01 6.08 -20.21
C GLY A 393 6.41 5.54 -20.39
N ALA A 394 6.72 4.46 -19.66
CA ALA A 394 8.08 3.92 -19.64
C ALA A 394 8.41 2.97 -20.80
N PHE A 395 9.71 2.71 -20.97
CA PHE A 395 10.18 1.67 -21.88
C PHE A 395 10.47 0.40 -21.10
N VAL A 396 10.11 -0.73 -21.68
CA VAL A 396 10.38 -2.04 -21.09
C VAL A 396 10.99 -2.90 -22.21
N LYS A 397 12.17 -3.46 -21.95
CA LYS A 397 12.90 -4.26 -22.94
C LYS A 397 12.24 -5.62 -23.07
N GLU A 398 12.21 -6.15 -24.29
CA GLU A 398 11.72 -7.50 -24.50
C GLU A 398 12.86 -8.48 -24.21
N PRO A 399 12.71 -9.29 -23.15
CA PRO A 399 13.80 -10.22 -22.84
C PRO A 399 13.72 -11.49 -23.70
N ILE A 400 14.86 -12.08 -24.02
CA ILE A 400 14.87 -13.41 -24.62
C ILE A 400 14.54 -14.41 -23.52
N PRO A 401 13.43 -15.15 -23.68
CA PRO A 401 13.08 -16.05 -22.58
C PRO A 401 14.13 -17.15 -22.45
N ASN A 402 14.66 -17.31 -21.24
CA ASN A 402 15.74 -18.24 -21.00
C ASN A 402 16.03 -18.34 -19.50
N ARG A 403 16.88 -19.30 -19.16
CA ARG A 403 17.59 -19.31 -17.87
C ARG A 403 18.73 -18.32 -17.97
N TYR A 404 19.00 -17.60 -16.88
CA TYR A 404 20.14 -16.70 -16.82
C TYR A 404 20.90 -17.00 -15.53
N LYS A 405 22.13 -17.48 -15.70
CA LYS A 405 22.89 -18.04 -14.59
C LYS A 405 23.36 -16.99 -13.59
N TYR A 406 24.22 -16.07 -14.01
CA TYR A 406 24.68 -14.99 -13.14
C TYR A 406 24.07 -13.67 -13.58
N VAL A 407 23.41 -12.96 -12.66
CA VAL A 407 22.81 -11.67 -13.00
C VAL A 407 23.11 -10.62 -11.93
N MET A 408 23.42 -9.41 -12.39
CA MET A 408 23.52 -8.24 -11.53
C MET A 408 22.57 -7.17 -12.05
N SER A 409 21.74 -6.63 -11.16
CA SER A 409 20.80 -5.58 -11.54
C SER A 409 21.17 -4.21 -10.97
N PHE A 410 20.73 -3.17 -11.66
CA PHE A 410 20.98 -1.78 -11.28
C PHE A 410 19.72 -1.00 -11.60
N ASP A 411 19.35 -0.07 -10.73
CA ASP A 411 18.26 0.84 -11.07
C ASP A 411 18.43 2.22 -10.43
N LEU A 412 17.76 3.20 -11.01
CA LEU A 412 17.88 4.60 -10.57
C LEU A 412 17.23 4.84 -9.22
N THR A 413 17.94 5.56 -8.36
CA THR A 413 17.34 5.98 -7.10
C THR A 413 16.21 6.96 -7.38
N SER A 414 15.02 6.65 -6.87
CA SER A 414 13.85 7.53 -6.99
C SER A 414 13.78 8.19 -8.38
N ALA A 415 13.56 7.36 -9.40
CA ALA A 415 13.79 7.74 -10.79
C ALA A 415 13.06 8.98 -11.26
N TYR A 416 11.72 8.98 -11.19
CA TYR A 416 10.94 10.08 -11.75
C TYR A 416 11.12 11.40 -10.98
N PRO A 417 11.16 11.34 -9.64
CA PRO A 417 11.46 12.55 -8.87
C PRO A 417 12.86 13.08 -9.16
N SER A 418 13.82 12.18 -9.36
CA SER A 418 15.18 12.55 -9.71
C SER A 418 15.23 13.24 -11.08
N ILE A 419 14.44 12.73 -12.03
CA ILE A 419 14.29 13.35 -13.35
C ILE A 419 13.73 14.77 -13.26
N ILE A 420 12.64 14.92 -12.50
CA ILE A 420 12.03 16.23 -12.22
C ILE A 420 13.10 17.21 -11.73
N ARG A 421 13.90 16.80 -10.75
CA ARG A 421 14.91 17.66 -10.14
C ARG A 421 16.09 17.93 -11.08
N GLN A 422 16.51 16.90 -11.79
CA GLN A 422 17.63 17.03 -12.75
C GLN A 422 17.27 18.01 -13.87
N VAL A 423 16.12 17.79 -14.49
CA VAL A 423 15.69 18.61 -15.64
C VAL A 423 15.11 19.95 -15.19
N ASN A 424 14.63 20.00 -13.93
CA ASN A 424 14.00 21.21 -13.34
C ASN A 424 12.60 21.44 -13.91
N ILE A 425 11.80 20.38 -13.90
CA ILE A 425 10.47 20.37 -14.50
C ILE A 425 9.45 20.89 -13.49
N SER A 426 8.82 22.01 -13.82
CA SER A 426 7.81 22.66 -12.96
C SER A 426 6.85 23.45 -13.85
N PRO A 427 5.64 23.81 -13.35
CA PRO A 427 4.80 24.63 -14.22
C PRO A 427 5.44 25.99 -14.56
N GLU A 428 6.15 26.58 -13.61
CA GLU A 428 6.69 27.93 -13.81
C GLU A 428 8.14 28.00 -14.35
N THR A 429 8.76 26.84 -14.60
CA THR A 429 10.14 26.83 -15.14
C THR A 429 10.22 26.54 -16.65
N ILE A 430 9.08 26.44 -17.33
CA ILE A 430 9.08 26.20 -18.77
C ILE A 430 9.71 27.39 -19.52
N ALA A 431 10.73 27.11 -20.32
CA ALA A 431 11.48 28.13 -21.03
C ALA A 431 11.11 28.23 -22.51
N GLY A 432 10.50 27.17 -23.05
CA GLY A 432 10.19 27.11 -24.48
C GLY A 432 10.31 25.68 -24.97
N THR A 433 10.47 25.51 -26.28
CA THR A 433 10.60 24.18 -26.90
C THR A 433 11.76 24.13 -27.89
N PHE A 434 12.14 22.91 -28.28
CA PHE A 434 13.06 22.70 -29.39
C PHE A 434 12.46 21.63 -30.31
N LYS A 435 13.00 21.53 -31.52
CA LYS A 435 12.50 20.57 -32.50
C LYS A 435 13.05 19.17 -32.21
N VAL A 436 12.16 18.22 -31.92
CA VAL A 436 12.58 16.87 -31.53
C VAL A 436 13.07 16.03 -32.72
N ALA A 437 14.10 15.24 -32.48
CA ALA A 437 14.52 14.18 -33.37
C ALA A 437 13.86 12.90 -32.83
N PRO A 438 13.89 11.79 -33.61
CA PRO A 438 13.42 10.52 -33.06
C PRO A 438 14.22 10.14 -31.80
N LEU A 439 13.55 9.56 -30.82
CA LEU A 439 14.17 9.16 -29.55
C LEU A 439 15.48 8.38 -29.74
N HIS A 440 15.48 7.41 -30.65
CA HIS A 440 16.68 6.61 -30.89
C HIS A 440 17.93 7.45 -31.24
N ASP A 441 17.72 8.61 -31.87
CA ASP A 441 18.82 9.54 -32.17
C ASP A 441 19.44 10.15 -30.91
N TYR A 442 18.64 10.36 -29.86
CA TYR A 442 19.19 10.81 -28.59
C TYR A 442 19.89 9.67 -27.86
N ILE A 443 19.26 8.50 -27.93
CA ILE A 443 19.77 7.30 -27.26
C ILE A 443 21.19 7.02 -27.75
N ASN A 444 21.37 7.19 -29.06
CA ASN A 444 22.64 6.92 -29.73
C ASN A 444 23.56 8.13 -29.88
N ALA A 445 23.13 9.24 -29.31
CA ALA A 445 23.95 10.47 -29.26
C ALA A 445 24.23 11.08 -30.63
N VAL A 446 23.31 10.89 -31.56
CA VAL A 446 23.50 11.37 -32.93
C VAL A 446 22.68 12.64 -33.23
N ALA A 447 21.58 12.82 -32.50
CA ALA A 447 20.77 14.03 -32.66
C ALA A 447 21.53 15.29 -32.26
N GLU A 448 21.17 16.41 -32.87
CA GLU A 448 21.68 17.71 -32.48
C GLU A 448 21.41 17.96 -30.98
N ARG A 449 22.38 18.56 -30.30
CA ARG A 449 22.18 18.95 -28.91
C ARG A 449 20.99 19.91 -28.83
N PRO A 450 19.98 19.57 -28.01
CA PRO A 450 18.76 20.36 -28.00
C PRO A 450 18.96 21.87 -27.70
N SER A 451 19.77 22.19 -26.70
CA SER A 451 19.99 23.57 -26.29
C SER A 451 21.34 23.69 -25.58
N ASP A 452 21.99 24.84 -25.71
CA ASP A 452 23.19 25.10 -24.93
C ASP A 452 22.93 26.21 -23.92
N VAL A 453 21.66 26.54 -23.74
CA VAL A 453 21.23 27.58 -22.80
C VAL A 453 20.29 27.02 -21.73
N TYR A 454 19.32 26.21 -22.16
CA TYR A 454 18.30 25.64 -21.27
C TYR A 454 18.45 24.13 -21.00
N SER A 455 17.80 23.68 -19.93
CA SER A 455 17.78 22.28 -19.51
C SER A 455 16.63 21.54 -20.21
N CYS A 456 16.93 20.38 -20.80
CA CYS A 456 16.03 19.76 -21.77
C CYS A 456 15.62 18.32 -21.50
N SER A 457 14.46 17.96 -22.05
CA SER A 457 14.01 16.58 -22.13
C SER A 457 13.79 16.22 -23.60
N PRO A 458 14.08 14.97 -23.99
CA PRO A 458 13.89 14.57 -25.38
C PRO A 458 12.43 14.58 -25.88
N ASN A 459 11.48 15.00 -25.04
CA ASN A 459 10.11 15.26 -25.51
C ASN A 459 9.95 16.63 -26.18
N GLY A 460 11.01 17.45 -26.14
CA GLY A 460 11.02 18.74 -26.83
C GLY A 460 10.89 19.94 -25.91
N MET A 461 10.85 19.71 -24.60
CA MET A 461 10.67 20.79 -23.63
C MET A 461 12.01 21.34 -23.12
N MET A 462 12.04 22.65 -22.89
CA MET A 462 13.21 23.30 -22.28
C MET A 462 12.79 24.01 -21.00
N TYR A 463 13.67 23.96 -19.99
CA TYR A 463 13.39 24.59 -18.69
C TYR A 463 14.55 25.50 -18.28
N TYR A 464 14.24 26.53 -17.49
CA TYR A 464 15.27 27.38 -16.92
C TYR A 464 16.21 26.58 -16.01
N LYS A 465 17.51 26.81 -16.15
CA LYS A 465 18.50 26.14 -15.32
C LYS A 465 18.78 26.97 -14.07
N ASP A 466 18.56 28.27 -14.16
CA ASP A 466 19.11 29.20 -13.17
C ASP A 466 18.10 29.68 -12.13
N ARG A 467 16.99 28.96 -11.99
CA ARG A 467 15.99 29.29 -10.99
C ARG A 467 15.27 28.05 -10.47
N ASP A 468 14.76 28.14 -9.25
CA ASP A 468 14.07 27.02 -8.63
C ASP A 468 12.63 26.92 -9.09
N GLY A 469 12.15 25.70 -9.24
CA GLY A 469 10.75 25.44 -9.48
C GLY A 469 10.15 24.89 -8.19
N VAL A 470 8.91 25.27 -7.92
CA VAL A 470 8.22 24.80 -6.73
C VAL A 470 8.08 23.27 -6.71
N VAL A 471 7.88 22.67 -7.89
CA VAL A 471 7.75 21.21 -7.95
C VAL A 471 9.09 20.56 -7.57
N PRO A 472 10.19 20.89 -8.28
CA PRO A 472 11.47 20.38 -7.79
C PRO A 472 11.74 20.71 -6.32
N THR A 473 11.38 21.91 -5.87
CA THR A 473 11.74 22.34 -4.52
C THR A 473 11.04 21.46 -3.49
N GLU A 474 9.74 21.30 -3.66
CA GLU A 474 8.94 20.56 -2.70
C GLU A 474 9.14 19.05 -2.82
N ILE A 475 9.39 18.57 -4.04
CA ILE A 475 9.62 17.13 -4.24
C ILE A 475 10.94 16.72 -3.59
N THR A 476 11.93 17.61 -3.61
CA THR A 476 13.24 17.34 -2.97
C THR A 476 13.11 17.16 -1.45
N LYS A 477 12.29 18.00 -0.83
CA LYS A 477 12.08 17.96 0.62
C LYS A 477 11.55 16.58 1.04
N VAL A 478 10.53 16.09 0.34
CA VAL A 478 9.94 14.78 0.67
C VAL A 478 10.88 13.63 0.31
N PHE A 479 11.57 13.72 -0.84
CA PHE A 479 12.62 12.77 -1.17
C PHE A 479 13.66 12.64 -0.05
N ASN A 480 14.16 13.78 0.45
CA ASN A 480 15.15 13.76 1.52
C ASN A 480 14.65 13.04 2.79
N GLN A 481 13.39 13.28 3.17
CA GLN A 481 12.75 12.47 4.22
C GLN A 481 12.72 10.98 3.87
N ARG A 482 12.26 10.67 2.65
CA ARG A 482 12.22 9.28 2.18
C ARG A 482 13.59 8.63 2.35
N LYS A 483 14.63 9.32 1.91
CA LYS A 483 16.01 8.82 1.94
C LYS A 483 16.47 8.51 3.35
N GLU A 484 16.12 9.38 4.30
CA GLU A 484 16.50 9.20 5.69
C GLU A 484 15.91 7.90 6.22
N HIS A 485 14.60 7.72 6.01
CA HIS A 485 13.92 6.55 6.52
C HIS A 485 14.36 5.24 5.85
N LYS A 486 14.62 5.29 4.55
CA LYS A 486 15.09 4.09 3.86
C LYS A 486 16.46 3.66 4.39
N GLY A 487 17.30 4.65 4.72
CA GLY A 487 18.56 4.40 5.44
C GLY A 487 18.33 3.63 6.73
N TYR A 488 17.38 4.07 7.55
CA TYR A 488 17.05 3.38 8.80
C TYR A 488 16.58 1.96 8.54
N MET A 489 15.75 1.79 7.52
CA MET A 489 15.18 0.49 7.16
C MET A 489 16.26 -0.50 6.74
N LEU A 490 17.15 -0.07 5.86
CA LEU A 490 18.19 -0.95 5.34
C LEU A 490 19.20 -1.32 6.42
N ALA A 491 19.53 -0.36 7.29
CA ALA A 491 20.38 -0.65 8.44
C ALA A 491 19.75 -1.71 9.35
N ALA A 492 18.45 -1.58 9.62
CA ALA A 492 17.74 -2.56 10.45
C ALA A 492 17.74 -3.94 9.79
N GLN A 493 17.63 -3.94 8.48
CA GLN A 493 17.66 -5.15 7.69
C GLN A 493 19.04 -5.81 7.81
N ARG A 494 20.10 -5.01 7.61
CA ARG A 494 21.47 -5.52 7.75
C ARG A 494 21.70 -6.05 9.14
N ASN A 495 21.21 -5.32 10.15
CA ASN A 495 21.32 -5.72 11.55
C ASN A 495 20.60 -7.04 11.83
N GLY A 496 19.43 -7.21 11.21
CA GLY A 496 18.69 -8.47 11.29
C GLY A 496 19.51 -9.66 10.82
N GLU A 497 20.25 -9.48 9.73
CA GLU A 497 21.06 -10.57 9.17
C GLU A 497 22.24 -10.93 10.06
N ILE A 498 22.81 -9.94 10.73
CA ILE A 498 23.86 -10.16 11.73
C ILE A 498 23.32 -11.08 12.85
N ILE A 499 22.11 -10.79 13.32
CA ILE A 499 21.46 -11.60 14.35
C ILE A 499 21.14 -13.00 13.81
N LYS A 500 20.66 -13.09 12.58
CA LYS A 500 20.41 -14.39 11.95
C LYS A 500 21.68 -15.26 11.84
N GLU A 501 22.80 -14.63 11.48
CA GLU A 501 24.09 -15.34 11.43
C GLU A 501 24.48 -15.85 12.82
N ALA A 502 24.26 -15.02 13.84
CA ALA A 502 24.63 -15.37 15.21
C ALA A 502 23.75 -16.48 15.81
N LEU A 503 22.52 -16.60 15.31
CA LEU A 503 21.61 -17.65 15.77
C LEU A 503 22.06 -19.06 15.40
N HIS A 504 23.02 -19.16 14.49
CA HIS A 504 23.62 -20.45 14.15
C HIS A 504 24.38 -21.06 15.32
N ASN A 505 25.02 -20.20 16.11
CA ASN A 505 25.79 -20.62 17.28
C ASN A 505 25.35 -19.90 18.57
N PRO A 506 24.13 -20.21 19.08
CA PRO A 506 23.68 -19.52 20.28
C PRO A 506 24.44 -19.97 21.51
N ASN A 507 24.51 -19.11 22.52
CA ASN A 507 25.20 -19.46 23.76
C ASN A 507 24.23 -20.01 24.80
N LEU A 508 24.68 -21.00 25.54
CA LEU A 508 23.91 -21.54 26.65
C LEU A 508 24.18 -20.68 27.88
N SER A 509 23.33 -19.69 28.06
CA SER A 509 23.49 -18.69 29.13
C SER A 509 22.19 -17.94 29.38
N VAL A 510 22.10 -17.28 30.53
CA VAL A 510 20.97 -16.42 30.85
C VAL A 510 21.45 -14.98 30.72
N ASP A 511 20.89 -14.27 29.75
CA ASP A 511 21.29 -12.88 29.50
C ASP A 511 20.11 -12.00 29.06
N GLU A 512 20.40 -10.77 28.66
CA GLU A 512 19.39 -9.83 28.19
C GLU A 512 19.67 -9.42 26.75
N PRO A 513 18.61 -9.10 25.99
CA PRO A 513 18.78 -8.44 24.71
C PRO A 513 19.54 -7.12 24.89
N LEU A 514 20.39 -6.77 23.93
CA LEU A 514 21.18 -5.55 24.03
C LEU A 514 20.35 -4.31 23.77
N ASP A 515 20.57 -3.26 24.56
CA ASP A 515 19.89 -2.00 24.35
C ASP A 515 20.58 -1.22 23.23
N VAL A 516 20.10 -1.42 22.01
CA VAL A 516 20.68 -0.81 20.81
C VAL A 516 19.61 -0.08 20.00
N ASP A 517 20.06 0.85 19.16
CA ASP A 517 19.20 1.48 18.18
C ASP A 517 19.39 0.76 16.84
N TYR A 518 18.36 0.02 16.45
CA TYR A 518 18.42 -0.84 15.25
C TYR A 518 18.46 -0.07 13.94
N ARG A 519 18.17 1.23 13.99
CA ARG A 519 18.18 2.08 12.81
C ARG A 519 19.59 2.37 12.30
N PHE A 520 20.60 1.95 13.06
CA PHE A 520 21.99 2.19 12.71
C PHE A 520 22.78 0.89 12.73
N ASP A 521 23.69 0.75 11.78
CA ASP A 521 24.51 -0.47 11.69
C ASP A 521 25.22 -0.74 13.01
N PHE A 522 25.13 -1.98 13.50
CA PHE A 522 25.79 -2.36 14.75
C PHE A 522 27.29 -2.09 14.69
N SER A 523 27.82 -1.50 15.75
CA SER A 523 29.26 -1.31 15.90
C SER A 523 29.96 -2.65 16.12
N ASP A 524 31.28 -2.70 15.94
CA ASP A 524 32.05 -3.92 16.18
C ASP A 524 31.86 -4.44 17.61
N GLU A 525 31.78 -3.51 18.55
CA GLU A 525 31.61 -3.86 19.97
C GLU A 525 30.27 -4.54 20.22
N ILE A 526 29.21 -4.02 19.59
CA ILE A 526 27.90 -4.68 19.65
C ILE A 526 27.94 -6.06 18.98
N LYS A 527 28.58 -6.14 17.80
CA LYS A 527 28.72 -7.42 17.09
C LYS A 527 29.41 -8.47 17.95
N GLU A 528 30.44 -8.07 18.67
CA GLU A 528 31.14 -9.00 19.55
C GLU A 528 30.26 -9.48 20.70
N LYS A 529 29.48 -8.57 21.28
CA LYS A 529 28.54 -8.93 22.34
C LYS A 529 27.45 -9.89 21.84
N ILE A 530 27.00 -9.68 20.61
CA ILE A 530 25.95 -10.50 20.01
C ILE A 530 26.40 -11.96 19.83
N LYS A 531 27.65 -12.15 19.43
CA LYS A 531 28.23 -13.48 19.24
C LYS A 531 28.32 -14.30 20.52
N LYS A 532 28.01 -13.69 21.67
CA LYS A 532 28.04 -14.38 22.96
C LYS A 532 26.65 -14.52 23.59
N LEU A 533 25.62 -14.04 22.88
CA LEU A 533 24.26 -14.06 23.43
C LEU A 533 23.55 -15.40 23.25
N SER A 534 22.59 -15.65 24.14
CA SER A 534 21.74 -16.84 24.09
C SER A 534 20.75 -16.78 22.92
N ALA A 535 20.11 -17.92 22.64
CA ALA A 535 19.06 -17.99 21.62
C ALA A 535 17.91 -17.05 21.98
N LYS A 536 17.49 -17.07 23.24
CA LYS A 536 16.39 -16.24 23.71
C LYS A 536 16.62 -14.75 23.44
N SER A 537 17.76 -14.22 23.91
CA SER A 537 18.08 -12.82 23.69
C SER A 537 18.24 -12.46 22.20
N LEU A 538 18.84 -13.37 21.44
CA LEU A 538 19.02 -13.17 20.00
C LEU A 538 17.69 -13.05 19.27
N ASN A 539 16.74 -13.91 19.64
CA ASN A 539 15.42 -13.92 19.01
C ASN A 539 14.60 -12.68 19.36
N GLU A 540 14.72 -12.19 20.59
CA GLU A 540 14.06 -10.94 20.94
C GLU A 540 14.67 -9.77 20.16
N MET A 541 15.99 -9.75 20.03
CA MET A 541 16.69 -8.72 19.26
C MET A 541 16.28 -8.76 17.79
N LEU A 542 16.13 -9.97 17.24
CA LEU A 542 15.71 -10.14 15.85
C LEU A 542 14.29 -9.61 15.64
N PHE A 543 13.41 -9.91 16.60
CA PHE A 543 12.06 -9.35 16.59
C PHE A 543 12.10 -7.82 16.57
N ARG A 544 12.96 -7.23 17.40
CA ARG A 544 13.05 -5.77 17.48
C ARG A 544 13.64 -5.16 16.21
N ALA A 545 14.65 -5.81 15.65
CA ALA A 545 15.25 -5.35 14.41
C ALA A 545 14.22 -5.34 13.27
N GLN A 546 13.42 -6.39 13.19
CA GLN A 546 12.40 -6.53 12.14
C GLN A 546 11.24 -5.56 12.30
N ARG A 547 10.87 -5.27 13.55
CA ARG A 547 9.88 -4.23 13.82
C ARG A 547 10.39 -2.86 13.39
N THR A 548 11.66 -2.59 13.69
CA THR A 548 12.32 -1.35 13.26
C THR A 548 12.37 -1.28 11.73
N GLU A 549 12.68 -2.41 11.08
CA GLU A 549 12.68 -2.45 9.62
C GLU A 549 11.30 -2.15 9.05
N VAL A 550 10.27 -2.77 9.62
CA VAL A 550 8.90 -2.51 9.18
C VAL A 550 8.51 -1.04 9.35
N ALA A 551 8.86 -0.46 10.50
CA ALA A 551 8.54 0.94 10.73
C ALA A 551 9.24 1.81 9.71
N GLY A 552 10.47 1.44 9.37
CA GLY A 552 11.24 2.17 8.35
C GLY A 552 10.66 2.02 6.95
N MET A 553 10.16 0.82 6.65
CA MET A 553 9.49 0.54 5.38
C MET A 553 8.25 1.41 5.20
N THR A 554 7.39 1.45 6.21
CA THR A 554 6.18 2.29 6.17
C THR A 554 6.55 3.74 5.88
N ALA A 555 7.54 4.25 6.60
CA ALA A 555 7.94 5.64 6.50
C ALA A 555 8.52 5.99 5.12
N GLN A 556 9.41 5.13 4.61
CA GLN A 556 10.06 5.37 3.32
C GLN A 556 9.18 5.05 2.11
N ILE A 557 8.52 3.89 2.09
CA ILE A 557 7.77 3.49 0.89
C ILE A 557 6.61 4.43 0.60
N ASN A 558 6.00 4.98 1.64
CA ASN A 558 4.86 5.86 1.39
C ASN A 558 5.27 7.28 1.08
N ARG A 559 6.47 7.68 1.46
CA ARG A 559 7.02 8.95 1.00
C ARG A 559 7.50 8.81 -0.44
N LYS A 560 8.09 7.66 -0.76
CA LYS A 560 8.33 7.30 -2.17
C LYS A 560 7.01 7.37 -2.97
N ALA A 561 5.94 6.80 -2.44
CA ALA A 561 4.64 6.79 -3.15
C ALA A 561 4.13 8.21 -3.38
N LEU A 562 4.32 9.09 -2.39
CA LEU A 562 3.85 10.47 -2.51
C LEU A 562 4.59 11.27 -3.60
N ILE A 563 5.91 11.17 -3.60
CA ILE A 563 6.69 11.88 -4.64
C ILE A 563 6.49 11.27 -6.05
N ASN A 564 6.42 9.96 -6.14
CA ASN A 564 6.04 9.34 -7.42
C ASN A 564 4.65 9.77 -7.85
N GLY A 565 3.78 9.99 -6.85
CA GLY A 565 2.42 10.48 -7.07
C GLY A 565 2.35 11.86 -7.70
N LEU A 566 3.33 12.71 -7.40
CA LEU A 566 3.39 14.06 -7.97
C LEU A 566 3.69 13.96 -9.45
N ALA A 567 4.66 13.12 -9.83
CA ALA A 567 4.94 12.91 -11.26
C ALA A 567 3.69 12.43 -12.01
N GLY A 568 2.97 11.47 -11.43
CA GLY A 568 1.70 10.97 -12.00
C GLY A 568 0.58 12.01 -12.03
N ALA A 569 0.48 12.82 -10.98
CA ALA A 569 -0.55 13.87 -10.88
C ALA A 569 -0.48 14.88 -12.04
N LEU A 570 0.73 15.18 -12.50
CA LEU A 570 0.92 16.08 -13.64
C LEU A 570 0.18 15.58 -14.87
N GLY A 571 -0.16 14.28 -14.87
CA GLY A 571 -0.96 13.69 -15.93
C GLY A 571 -2.39 13.36 -15.49
N ASN A 572 -2.84 13.96 -14.39
CA ASN A 572 -4.25 13.79 -14.00
C ASN A 572 -4.99 15.12 -14.18
N VAL A 573 -6.07 15.06 -14.95
CA VAL A 573 -6.82 16.27 -15.35
C VAL A 573 -7.41 17.10 -14.21
N TRP A 574 -7.48 16.55 -13.00
CA TRP A 574 -8.01 17.28 -11.84
C TRP A 574 -6.93 17.99 -11.03
N PHE A 575 -5.67 17.74 -11.36
CA PHE A 575 -4.55 18.39 -10.70
C PHE A 575 -4.46 19.81 -11.19
N ARG A 576 -4.35 20.76 -10.25
CA ARG A 576 -4.18 22.17 -10.60
C ARG A 576 -3.01 22.40 -11.57
N TYR A 577 -1.96 21.58 -11.48
CA TYR A 577 -0.77 21.76 -12.34
C TYR A 577 -0.65 20.69 -13.44
N TYR A 578 -1.79 20.12 -13.82
CA TYR A 578 -1.86 19.18 -14.93
C TYR A 578 -1.25 19.78 -16.17
N ASP A 579 -0.36 19.04 -16.81
CA ASP A 579 0.33 19.52 -18.01
C ASP A 579 1.07 18.36 -18.64
N LEU A 580 0.57 17.91 -19.79
CA LEU A 580 1.16 16.76 -20.46
C LEU A 580 2.56 17.05 -20.99
N ARG A 581 2.89 18.33 -21.19
CA ARG A 581 4.25 18.71 -21.53
C ARG A 581 5.19 18.30 -20.40
N ASN A 582 4.76 18.54 -19.15
CA ASN A 582 5.60 18.18 -18.01
C ASN A 582 5.55 16.68 -17.71
N ALA A 583 4.36 16.09 -17.87
CA ALA A 583 4.23 14.65 -17.61
C ALA A 583 5.09 13.85 -18.60
N THR A 584 5.00 14.19 -19.88
CA THR A 584 5.78 13.47 -20.90
C THR A 584 7.26 13.85 -20.89
N ALA A 585 7.60 15.04 -20.39
CA ALA A 585 9.03 15.39 -20.24
C ALA A 585 9.72 14.39 -19.32
N ILE A 586 9.03 14.01 -18.24
CA ILE A 586 9.52 12.99 -17.32
C ILE A 586 9.64 11.61 -17.99
N THR A 587 8.53 11.09 -18.52
CA THR A 587 8.53 9.71 -19.03
C THR A 587 9.44 9.53 -20.24
N THR A 588 9.47 10.52 -21.13
CA THR A 588 10.36 10.47 -22.31
C THR A 588 11.83 10.51 -21.90
N PHE A 589 12.14 11.34 -20.90
CA PHE A 589 13.50 11.36 -20.34
C PHE A 589 13.89 10.00 -19.76
N GLY A 590 12.97 9.36 -19.05
CA GLY A 590 13.20 8.04 -18.47
C GLY A 590 13.46 6.98 -19.53
N GLN A 591 12.71 7.04 -20.64
CA GLN A 591 12.94 6.11 -21.73
C GLN A 591 14.34 6.29 -22.33
N MET A 592 14.74 7.54 -22.53
CA MET A 592 16.08 7.84 -23.06
C MET A 592 17.15 7.35 -22.11
N ALA A 593 17.00 7.69 -20.83
CA ALA A 593 17.96 7.31 -19.78
C ALA A 593 18.21 5.81 -19.72
N LEU A 594 17.14 5.03 -19.70
CA LEU A 594 17.28 3.56 -19.68
C LEU A 594 18.08 3.04 -20.89
N GLN A 595 17.71 3.50 -22.09
CA GLN A 595 18.27 2.92 -23.32
C GLN A 595 19.68 3.47 -23.62
N TRP A 596 19.91 4.72 -23.23
CA TRP A 596 21.24 5.33 -23.22
C TRP A 596 22.19 4.47 -22.38
N ILE A 597 21.79 4.19 -21.15
CA ILE A 597 22.69 3.49 -20.23
C ILE A 597 22.82 2.01 -20.59
N GLU A 598 21.81 1.45 -21.24
CA GLU A 598 21.95 0.10 -21.79
C GLU A 598 23.11 0.07 -22.79
N ARG A 599 23.11 1.03 -23.72
CA ARG A 599 24.21 1.18 -24.70
C ARG A 599 25.57 1.30 -23.99
N LYS A 600 25.63 2.19 -23.01
CA LYS A 600 26.88 2.49 -22.30
C LYS A 600 27.41 1.28 -21.54
N VAL A 601 26.52 0.52 -20.91
CA VAL A 601 26.92 -0.66 -20.15
C VAL A 601 27.41 -1.77 -21.11
N ASN A 602 26.70 -1.97 -22.21
CA ASN A 602 27.16 -2.93 -23.22
C ASN A 602 28.54 -2.53 -23.73
N GLU A 603 28.75 -1.23 -23.93
CA GLU A 603 30.04 -0.72 -24.43
C GLU A 603 31.16 -0.99 -23.43
N TYR A 604 30.92 -0.64 -22.17
CA TYR A 604 31.90 -0.77 -21.11
C TYR A 604 32.30 -2.23 -20.90
N LEU A 605 31.30 -3.09 -20.74
CA LEU A 605 31.56 -4.50 -20.48
C LEU A 605 32.26 -5.24 -21.63
N ASN A 606 31.91 -4.91 -22.87
CA ASN A 606 32.62 -5.45 -24.04
C ASN A 606 34.09 -5.09 -24.03
N GLU A 607 34.37 -3.83 -23.69
CA GLU A 607 35.72 -3.31 -23.59
C GLU A 607 36.52 -4.04 -22.50
N VAL A 608 35.97 -4.14 -21.28
CA VAL A 608 36.73 -4.75 -20.18
C VAL A 608 36.91 -6.26 -20.31
N CYS A 609 35.99 -6.91 -21.03
CA CYS A 609 36.09 -8.34 -21.29
C CYS A 609 36.82 -8.67 -22.58
N GLY A 610 37.33 -7.63 -23.25
CA GLY A 610 38.10 -7.77 -24.48
C GLY A 610 37.31 -8.27 -25.69
N THR A 611 35.98 -8.17 -25.63
CA THR A 611 35.13 -8.57 -26.75
C THR A 611 34.47 -7.40 -27.47
N GLU A 612 33.53 -7.71 -28.36
CA GLU A 612 32.90 -6.71 -29.20
C GLU A 612 31.53 -7.21 -29.64
N GLY A 613 30.50 -6.40 -29.43
CA GLY A 613 29.15 -6.70 -29.91
C GLY A 613 28.33 -7.69 -29.10
N GLU A 614 28.80 -8.04 -27.91
CA GLU A 614 28.05 -8.94 -27.03
C GLU A 614 27.02 -8.15 -26.23
N ALA A 615 25.84 -8.76 -26.08
CA ALA A 615 24.73 -8.13 -25.37
C ALA A 615 24.78 -8.51 -23.91
N PHE A 616 25.22 -7.59 -23.06
CA PHE A 616 25.32 -7.88 -21.64
C PHE A 616 24.00 -7.65 -20.90
N VAL A 617 23.33 -6.56 -21.26
CA VAL A 617 22.04 -6.18 -20.68
C VAL A 617 20.98 -7.07 -21.32
N LEU A 618 20.33 -7.88 -20.49
CA LEU A 618 19.39 -8.89 -21.00
C LEU A 618 17.95 -8.40 -20.85
N TYR A 619 17.75 -7.37 -20.03
CA TYR A 619 16.40 -6.89 -19.70
C TYR A 619 16.49 -5.55 -19.01
N GLY A 620 15.38 -4.81 -19.05
CA GLY A 620 15.23 -3.57 -18.29
C GLY A 620 13.78 -3.16 -18.30
N ASP A 621 13.37 -2.39 -17.28
CA ASP A 621 11.98 -1.93 -17.14
C ASP A 621 12.02 -0.56 -16.48
N THR A 622 11.70 0.49 -17.26
CA THR A 622 11.54 1.87 -16.76
C THR A 622 12.86 2.56 -16.38
N ASP A 623 13.58 2.03 -15.40
CA ASP A 623 14.80 2.65 -14.90
C ASP A 623 15.80 1.59 -14.44
N SER A 624 15.60 0.35 -14.85
CA SER A 624 16.45 -0.72 -14.38
C SER A 624 17.14 -1.42 -15.52
N ILE A 625 18.31 -2.00 -15.24
CA ILE A 625 18.97 -2.91 -16.17
C ILE A 625 19.36 -4.20 -15.46
N TYR A 626 19.31 -5.30 -16.19
CA TYR A 626 19.70 -6.61 -15.71
C TYR A 626 20.85 -7.08 -16.57
N VAL A 627 22.01 -7.27 -15.93
CA VAL A 627 23.25 -7.61 -16.62
C VAL A 627 23.59 -9.07 -16.39
N SER A 628 23.72 -9.82 -17.48
CA SER A 628 24.23 -11.18 -17.42
C SER A 628 25.72 -11.08 -17.07
N ALA A 629 26.10 -11.70 -15.95
CA ALA A 629 27.47 -11.63 -15.46
C ALA A 629 28.27 -12.89 -15.78
N ASP A 630 27.70 -13.76 -16.61
CA ASP A 630 28.36 -15.02 -17.01
C ASP A 630 29.79 -14.81 -17.51
N LYS A 631 29.95 -13.86 -18.44
CA LYS A 631 31.27 -13.55 -19.00
C LYS A 631 32.24 -12.98 -17.96
N ILE A 632 31.71 -12.26 -16.96
CA ILE A 632 32.55 -11.69 -15.89
C ILE A 632 33.13 -12.84 -15.08
N ILE A 633 32.26 -13.75 -14.65
CA ILE A 633 32.63 -14.94 -13.89
C ILE A 633 33.58 -15.83 -14.73
N ASP A 634 33.28 -15.99 -16.02
CA ASP A 634 34.09 -16.85 -16.91
C ASP A 634 35.47 -16.28 -17.22
N LYS A 635 35.58 -14.96 -17.31
CA LYS A 635 36.87 -14.29 -17.46
C LYS A 635 37.86 -14.64 -16.36
N VAL A 636 37.41 -14.70 -15.11
CA VAL A 636 38.31 -15.09 -14.03
C VAL A 636 38.38 -16.62 -13.91
N GLY A 637 37.30 -17.30 -14.28
CA GLY A 637 37.20 -18.75 -14.17
C GLY A 637 36.57 -19.16 -12.87
N GLU A 638 35.46 -19.90 -12.94
CA GLU A 638 34.72 -20.36 -11.77
C GLU A 638 35.56 -21.06 -10.72
N SER A 639 36.60 -21.76 -11.17
CA SER A 639 37.48 -22.56 -10.33
C SER A 639 38.21 -21.76 -9.27
N LYS A 640 38.38 -20.47 -9.50
CA LYS A 640 39.10 -19.58 -8.59
C LYS A 640 38.36 -19.28 -7.29
N PHE A 641 37.07 -19.56 -7.26
CA PHE A 641 36.25 -19.17 -6.11
C PHE A 641 36.17 -20.23 -5.03
N ARG A 642 36.34 -19.78 -3.78
CA ARG A 642 36.36 -20.67 -2.63
C ARG A 642 34.97 -21.21 -2.34
N ASP A 643 33.98 -20.33 -2.41
CA ASP A 643 32.60 -20.67 -2.09
C ASP A 643 31.70 -19.65 -2.77
N THR A 644 30.40 -19.71 -2.50
CA THR A 644 29.45 -18.79 -3.10
C THR A 644 29.72 -17.35 -2.70
N ASN A 645 29.94 -17.12 -1.40
CA ASN A 645 30.23 -15.78 -0.90
C ASN A 645 31.46 -15.14 -1.57
N HIS A 646 32.41 -15.97 -2.00
CA HIS A 646 33.61 -15.46 -2.69
C HIS A 646 33.24 -14.81 -4.02
N TRP A 647 32.47 -15.49 -4.87
CA TRP A 647 32.03 -14.86 -6.12
C TRP A 647 31.04 -13.72 -5.92
N VAL A 648 30.19 -13.84 -4.89
CA VAL A 648 29.27 -12.75 -4.54
C VAL A 648 30.07 -11.48 -4.20
N ASP A 649 31.05 -11.63 -3.31
CA ASP A 649 32.01 -10.56 -2.98
C ASP A 649 32.66 -9.99 -4.23
N PHE A 650 33.11 -10.87 -5.12
CA PHE A 650 33.75 -10.45 -6.36
C PHE A 650 32.84 -9.57 -7.22
N LEU A 651 31.60 -10.01 -7.45
CA LEU A 651 30.67 -9.24 -8.28
C LEU A 651 30.25 -7.93 -7.60
N ASP A 652 30.11 -8.00 -6.28
CA ASP A 652 29.78 -6.83 -5.47
C ASP A 652 30.86 -5.79 -5.70
N LYS A 653 32.12 -6.21 -5.58
CA LYS A 653 33.24 -5.31 -5.77
C LYS A 653 33.34 -4.84 -7.24
N PHE A 654 33.10 -5.74 -8.19
CA PHE A 654 33.07 -5.39 -9.63
C PHE A 654 32.01 -4.31 -9.94
N ALA A 655 30.80 -4.49 -9.43
CA ALA A 655 29.72 -3.50 -9.63
C ALA A 655 30.07 -2.13 -9.02
N ARG A 656 30.60 -2.12 -7.81
CA ARG A 656 30.84 -0.88 -7.09
C ARG A 656 32.07 -0.13 -7.60
N GLU A 657 33.15 -0.85 -7.87
CA GLU A 657 34.41 -0.21 -8.21
C GLU A 657 34.63 -0.04 -9.72
N ARG A 658 33.95 -0.85 -10.55
CA ARG A 658 34.14 -0.77 -12.00
C ARG A 658 32.91 -0.31 -12.77
N MET A 659 31.78 -0.95 -12.53
CA MET A 659 30.57 -0.68 -13.29
C MET A 659 29.89 0.63 -12.95
N GLU A 660 29.68 0.88 -11.66
CA GLU A 660 29.01 2.09 -11.20
C GLU A 660 29.71 3.39 -11.64
N PRO A 661 31.05 3.46 -11.50
CA PRO A 661 31.74 4.63 -12.06
C PRO A 661 31.52 4.78 -13.58
N ALA A 662 31.59 3.67 -14.32
CA ALA A 662 31.32 3.71 -15.76
C ALA A 662 29.88 4.17 -16.02
N ILE A 663 28.95 3.67 -15.22
CA ILE A 663 27.54 4.10 -15.33
C ILE A 663 27.42 5.61 -15.02
N ASP A 664 28.09 6.07 -13.97
CA ASP A 664 28.08 7.48 -13.60
C ASP A 664 28.67 8.39 -14.68
N ARG A 665 29.75 7.95 -15.33
CA ARG A 665 30.33 8.73 -16.43
C ARG A 665 29.33 8.79 -17.58
N GLY A 666 28.64 7.68 -17.82
CA GLY A 666 27.64 7.61 -18.87
C GLY A 666 26.52 8.62 -18.68
N PHE A 667 26.01 8.71 -17.45
CA PHE A 667 24.91 9.61 -17.14
C PHE A 667 25.33 11.08 -17.08
N ARG A 668 26.57 11.34 -16.65
CA ARG A 668 27.08 12.71 -16.66
C ARG A 668 27.14 13.26 -18.08
N GLU A 669 27.55 12.40 -19.01
CA GLU A 669 27.57 12.76 -20.43
C GLU A 669 26.15 13.05 -20.95
N MET A 670 25.19 12.23 -20.52
CA MET A 670 23.80 12.44 -20.89
C MET A 670 23.28 13.77 -20.33
N CYS A 671 23.62 14.05 -19.07
CA CYS A 671 23.27 15.31 -18.43
C CYS A 671 23.80 16.51 -19.21
N GLU A 672 25.06 16.41 -19.68
CA GLU A 672 25.66 17.48 -20.48
CA GLU A 672 25.65 17.49 -20.47
C GLU A 672 24.95 17.62 -21.83
N TYR A 673 24.63 16.48 -22.43
CA TYR A 673 23.89 16.43 -23.70
C TYR A 673 22.55 17.18 -23.61
N MET A 674 21.81 16.96 -22.52
CA MET A 674 20.50 17.62 -22.31
C MET A 674 20.66 18.96 -21.59
N ASN A 675 21.91 19.31 -21.25
CA ASN A 675 22.25 20.56 -20.59
C ASN A 675 21.41 20.74 -19.31
N ASN A 676 21.28 19.67 -18.52
CA ASN A 676 20.40 19.68 -17.36
C ASN A 676 20.93 20.47 -16.18
N LYS A 677 20.03 20.85 -15.28
CA LYS A 677 20.35 21.70 -14.15
C LYS A 677 21.30 21.00 -13.17
N GLN A 678 21.02 19.74 -12.85
CA GLN A 678 21.81 19.02 -11.86
C GLN A 678 21.89 17.55 -12.22
N HIS A 679 23.07 16.94 -12.12
CA HIS A 679 23.20 15.52 -12.39
C HIS A 679 22.68 14.70 -11.22
N LEU A 680 21.61 13.94 -11.45
CA LEU A 680 20.97 13.17 -10.36
C LEU A 680 20.57 11.75 -10.76
N MET A 681 21.06 11.27 -11.91
CA MET A 681 20.80 9.89 -12.35
C MET A 681 21.78 8.96 -11.64
N PHE A 682 21.35 8.42 -10.51
CA PHE A 682 22.19 7.57 -9.66
C PHE A 682 21.68 6.14 -9.73
N MET A 683 22.38 5.32 -10.48
CA MET A 683 21.95 3.96 -10.75
C MET A 683 22.81 2.98 -9.95
N ASP A 684 22.34 2.66 -8.75
CA ASP A 684 23.06 1.79 -7.82
C ASP A 684 22.67 0.33 -8.05
N ARG A 685 23.62 -0.56 -7.77
CA ARG A 685 23.43 -1.99 -7.87
C ARG A 685 22.31 -2.45 -6.95
N GLU A 686 21.39 -3.26 -7.48
CA GLU A 686 20.31 -3.84 -6.69
C GLU A 686 20.66 -5.27 -6.24
N ALA A 687 20.53 -6.23 -7.16
CA ALA A 687 20.71 -7.63 -6.79
C ALA A 687 21.97 -8.24 -7.37
N ILE A 688 22.59 -9.13 -6.59
CA ILE A 688 23.57 -10.07 -7.10
C ILE A 688 22.96 -11.48 -7.06
N ALA A 689 22.83 -12.11 -8.22
CA ALA A 689 22.09 -13.38 -8.30
C ALA A 689 22.86 -14.49 -9.02
N GLY A 690 22.62 -15.71 -8.58
CA GLY A 690 23.24 -16.86 -9.20
C GLY A 690 22.94 -18.13 -8.43
N PRO A 691 23.35 -19.28 -8.97
CA PRO A 691 23.19 -20.55 -8.27
C PRO A 691 24.24 -20.70 -7.17
N PRO A 692 23.95 -21.54 -6.14
CA PRO A 692 25.00 -21.88 -5.16
C PRO A 692 26.15 -22.53 -5.89
N LEU A 693 27.39 -22.18 -5.52
CA LEU A 693 28.59 -22.69 -6.19
C LEU A 693 28.61 -24.22 -6.13
N GLY A 694 28.88 -24.84 -7.28
CA GLY A 694 29.00 -26.29 -7.35
C GLY A 694 27.66 -27.02 -7.43
N SER A 695 26.57 -26.27 -7.46
CA SER A 695 25.24 -26.87 -7.58
C SER A 695 24.81 -26.92 -9.04
N LYS A 696 23.65 -27.55 -9.29
CA LYS A 696 23.04 -27.55 -10.63
C LYS A 696 21.90 -26.54 -10.74
N GLY A 697 21.84 -25.59 -9.80
CA GLY A 697 20.84 -24.54 -9.87
C GLY A 697 21.05 -23.69 -11.11
N ILE A 698 19.95 -23.22 -11.72
CA ILE A 698 20.05 -22.43 -12.95
C ILE A 698 20.24 -20.93 -12.66
N GLY A 699 20.08 -20.53 -11.40
CA GLY A 699 20.29 -19.16 -10.98
C GLY A 699 19.09 -18.24 -11.13
N GLY A 700 18.59 -18.11 -12.35
CA GLY A 700 17.43 -17.25 -12.63
C GLY A 700 16.79 -17.59 -13.97
N PHE A 701 15.60 -17.03 -14.22
CA PHE A 701 14.98 -17.10 -15.56
C PHE A 701 14.02 -15.94 -15.81
N TRP A 702 13.83 -15.60 -17.09
CA TRP A 702 12.76 -14.70 -17.55
C TRP A 702 11.81 -15.48 -18.45
N THR A 703 10.50 -15.28 -18.27
CA THR A 703 9.53 -15.82 -19.23
C THR A 703 9.15 -14.75 -20.25
N GLY A 704 9.26 -13.49 -19.85
CA GLY A 704 8.89 -12.38 -20.73
C GLY A 704 8.97 -11.09 -19.95
N LYS A 705 8.40 -10.02 -20.52
CA LYS A 705 8.36 -8.73 -19.83
C LYS A 705 7.66 -8.90 -18.48
N LYS A 706 8.26 -8.29 -17.45
CA LYS A 706 7.67 -8.22 -16.10
C LYS A 706 7.40 -9.58 -15.45
N ARG A 707 8.13 -10.61 -15.89
CA ARG A 707 7.99 -11.97 -15.39
C ARG A 707 9.33 -12.70 -15.27
N TYR A 708 9.82 -12.83 -14.05
CA TYR A 708 11.16 -13.38 -13.82
C TYR A 708 11.37 -13.82 -12.37
N ALA A 709 12.39 -14.65 -12.18
CA ALA A 709 12.80 -15.10 -10.85
C ALA A 709 14.32 -15.11 -10.77
N LEU A 710 14.86 -14.66 -9.64
CA LEU A 710 16.31 -14.68 -9.40
C LEU A 710 16.64 -15.20 -8.01
N ASN A 711 17.71 -15.98 -7.91
CA ASN A 711 18.25 -16.40 -6.63
C ASN A 711 19.25 -15.35 -6.13
N VAL A 712 18.82 -14.51 -5.18
CA VAL A 712 19.62 -13.33 -4.78
C VAL A 712 20.41 -13.59 -3.50
N TRP A 713 21.69 -13.21 -3.52
CA TRP A 713 22.58 -13.37 -2.36
C TRP A 713 22.79 -12.03 -1.65
N ASP A 714 22.67 -10.95 -2.40
CA ASP A 714 22.86 -9.60 -1.85
C ASP A 714 21.87 -8.65 -2.49
N MET A 715 21.14 -7.90 -1.66
CA MET A 715 20.15 -6.96 -2.16
C MET A 715 20.39 -5.58 -1.56
N GLU A 716 20.76 -4.63 -2.43
CA GLU A 716 21.05 -3.24 -2.05
C GLU A 716 21.99 -3.10 -0.85
N GLY A 717 22.99 -3.97 -0.78
CA GLY A 717 23.96 -3.96 0.30
C GLY A 717 23.63 -4.85 1.47
N THR A 718 22.50 -5.55 1.44
CA THR A 718 22.20 -6.53 2.48
C THR A 718 22.67 -7.90 2.01
N ARG A 719 23.74 -8.40 2.64
CA ARG A 719 24.23 -9.77 2.40
C ARG A 719 23.40 -10.76 3.20
N TYR A 720 22.61 -11.58 2.52
CA TYR A 720 21.69 -12.46 3.22
C TYR A 720 22.43 -13.60 3.91
N ALA A 721 21.96 -13.97 5.09
CA ALA A 721 22.40 -15.20 5.75
C ALA A 721 21.98 -16.41 4.90
N GLU A 722 20.77 -16.35 4.35
CA GLU A 722 20.27 -17.40 3.44
C GLU A 722 19.81 -16.78 2.13
N PRO A 723 20.11 -17.42 0.98
CA PRO A 723 19.70 -16.81 -0.30
C PRO A 723 18.20 -16.58 -0.36
N LYS A 724 17.78 -15.50 -0.99
CA LYS A 724 16.36 -15.13 -1.04
C LYS A 724 15.89 -15.02 -2.49
N LEU A 725 14.69 -15.52 -2.78
CA LEU A 725 14.19 -15.47 -4.15
C LEU A 725 13.62 -14.10 -4.48
N LYS A 726 14.04 -13.49 -5.59
CA LYS A 726 13.37 -12.32 -6.12
C LYS A 726 12.49 -12.75 -7.30
N ILE A 727 11.18 -12.74 -7.09
CA ILE A 727 10.23 -13.19 -8.10
C ILE A 727 9.26 -12.06 -8.41
N MET A 728 9.14 -11.71 -9.68
CA MET A 728 8.22 -10.65 -10.08
C MET A 728 7.27 -11.18 -11.11
N GLY A 729 6.00 -10.81 -10.95
CA GLY A 729 4.99 -11.10 -11.95
C GLY A 729 4.50 -12.53 -12.07
N LEU A 730 5.31 -13.49 -11.65
CA LEU A 730 4.92 -14.90 -11.73
C LEU A 730 3.82 -15.21 -10.72
N GLU A 731 3.06 -16.28 -10.97
CA GLU A 731 1.82 -16.59 -10.22
C GLU A 731 2.01 -16.66 -8.71
N THR A 732 3.23 -16.98 -8.28
CA THR A 732 3.61 -17.00 -6.86
C THR A 732 3.32 -15.65 -6.18
N GLN A 733 3.32 -14.58 -6.97
CA GLN A 733 3.18 -13.20 -6.48
C GLN A 733 1.78 -12.65 -6.63
N LYS A 734 0.86 -13.47 -7.14
CA LYS A 734 -0.50 -12.98 -7.42
C LYS A 734 -1.49 -13.49 -6.40
N SER A 735 -2.32 -12.58 -5.89
CA SER A 735 -3.30 -12.88 -4.85
C SER A 735 -4.44 -13.79 -5.37
N SER A 736 -4.58 -13.85 -6.69
CA SER A 736 -5.57 -14.71 -7.34
C SER A 736 -5.17 -16.19 -7.36
N THR A 737 -3.86 -16.46 -7.26
CA THR A 737 -3.30 -17.82 -7.24
C THR A 737 -3.57 -18.49 -5.89
N PRO A 738 -4.11 -19.73 -5.88
CA PRO A 738 -4.42 -20.38 -4.60
C PRO A 738 -3.19 -20.41 -3.70
N LYS A 739 -3.41 -20.24 -2.39
CA LYS A 739 -2.32 -20.16 -1.43
C LYS A 739 -1.35 -21.35 -1.53
N ALA A 740 -1.88 -22.58 -1.56
CA ALA A 740 -1.03 -23.78 -1.57
C ALA A 740 -0.31 -23.93 -2.92
N VAL A 741 -0.91 -23.37 -3.96
CA VAL A 741 -0.29 -23.35 -5.28
C VAL A 741 0.83 -22.31 -5.35
N GLN A 742 0.66 -21.18 -4.67
CA GLN A 742 1.75 -20.19 -4.56
C GLN A 742 2.95 -20.83 -3.89
N LYS A 743 2.69 -21.57 -2.80
CA LYS A 743 3.72 -22.25 -2.06
C LYS A 743 4.48 -23.26 -2.92
N ALA A 744 3.72 -24.09 -3.65
CA ALA A 744 4.31 -25.19 -4.44
C ALA A 744 5.08 -24.67 -5.65
N LEU A 745 4.51 -23.67 -6.32
CA LEU A 745 5.18 -23.01 -7.43
C LEU A 745 6.48 -22.35 -6.97
N LYS A 746 6.48 -21.77 -5.79
CA LYS A 746 7.68 -21.11 -5.28
C LYS A 746 8.76 -22.13 -4.96
N GLU A 747 8.34 -23.27 -4.42
CA GLU A 747 9.28 -24.34 -4.13
C GLU A 747 9.86 -24.95 -5.41
N CYS A 748 9.01 -25.06 -6.44
CA CYS A 748 9.46 -25.48 -7.77
C CYS A 748 10.52 -24.50 -8.28
N ILE A 749 10.25 -23.21 -8.13
CA ILE A 749 11.21 -22.17 -8.53
C ILE A 749 12.52 -22.28 -7.72
N ARG A 750 12.41 -22.33 -6.40
CA ARG A 750 13.57 -22.48 -5.53
C ARG A 750 14.45 -23.66 -5.98
N ARG A 751 13.82 -24.79 -6.26
CA ARG A 751 14.55 -25.98 -6.70
C ARG A 751 15.22 -25.77 -8.05
N MET A 752 14.51 -25.15 -9.00
CA MET A 752 15.09 -24.81 -10.31
C MET A 752 16.33 -23.93 -10.14
N LEU A 753 16.19 -22.88 -9.33
CA LEU A 753 17.23 -21.86 -9.25
C LEU A 753 18.43 -22.28 -8.42
N GLN A 754 18.20 -23.13 -7.42
CA GLN A 754 19.25 -23.49 -6.44
C GLN A 754 19.75 -24.92 -6.60
N GLU A 755 18.89 -25.81 -7.11
CA GLU A 755 19.22 -27.22 -7.14
C GLU A 755 19.28 -27.88 -8.53
N GLY A 756 18.41 -27.48 -9.44
CA GLY A 756 18.39 -28.01 -10.79
C GLY A 756 17.19 -28.86 -11.16
N GLU A 757 17.23 -29.45 -12.37
CA GLU A 757 16.08 -30.13 -12.98
C GLU A 757 15.59 -31.37 -12.24
N GLU A 758 16.53 -32.21 -11.79
CA GLU A 758 16.18 -33.44 -11.10
C GLU A 758 15.40 -33.13 -9.82
N SER A 759 15.90 -32.17 -9.04
CA SER A 759 15.22 -31.73 -7.81
C SER A 759 13.78 -31.26 -8.07
N LEU A 760 13.63 -30.41 -9.08
CA LEU A 760 12.30 -29.95 -9.52
C LEU A 760 11.39 -31.13 -9.82
N GLN A 761 11.90 -32.08 -10.59
CA GLN A 761 11.12 -33.25 -11.01
C GLN A 761 10.64 -34.07 -9.81
N GLU A 762 11.51 -34.23 -8.82
CA GLU A 762 11.17 -34.94 -7.60
C GLU A 762 10.05 -34.25 -6.85
N TYR A 763 10.11 -32.91 -6.77
CA TYR A 763 9.08 -32.17 -6.07
C TYR A 763 7.74 -32.20 -6.79
N PHE A 764 7.77 -32.04 -8.12
CA PHE A 764 6.55 -32.04 -8.91
C PHE A 764 5.79 -33.34 -8.74
N LYS A 765 6.52 -34.45 -8.75
CA LYS A 765 5.92 -35.78 -8.67
C LYS A 765 5.19 -35.92 -7.33
N GLU A 766 5.84 -35.49 -6.26
CA GLU A 766 5.26 -35.51 -4.92
C GLU A 766 4.01 -34.66 -4.82
N PHE A 767 4.06 -33.46 -5.39
CA PHE A 767 2.95 -32.53 -5.28
C PHE A 767 1.73 -33.03 -6.04
N GLU A 768 1.96 -33.57 -7.23
CA GLU A 768 0.89 -34.13 -8.06
C GLU A 768 0.19 -35.30 -7.35
N LYS A 769 0.97 -36.11 -6.65
CA LYS A 769 0.44 -37.26 -5.91
C LYS A 769 -0.33 -36.86 -4.66
N GLU A 770 -0.01 -35.69 -4.10
CA GLU A 770 -0.61 -35.27 -2.84
C GLU A 770 -1.66 -34.16 -2.99
N PHE A 771 -1.75 -33.61 -4.21
CA PHE A 771 -2.64 -32.48 -4.52
C PHE A 771 -4.06 -32.63 -3.95
N ARG A 772 -4.66 -33.78 -4.20
CA ARG A 772 -6.07 -34.01 -3.85
C ARG A 772 -6.32 -34.03 -2.34
N GLN A 773 -5.26 -33.92 -1.54
CA GLN A 773 -5.36 -33.97 -0.08
C GLN A 773 -5.28 -32.58 0.58
N LEU A 774 -5.02 -31.56 -0.21
CA LEU A 774 -4.94 -30.20 0.28
C LEU A 774 -6.33 -29.67 0.63
N ASN A 775 -6.39 -28.90 1.72
CA ASN A 775 -7.62 -28.23 2.12
C ASN A 775 -8.21 -27.41 0.97
N TYR A 776 -9.52 -27.50 0.79
CA TYR A 776 -10.18 -26.85 -0.34
C TYR A 776 -9.91 -25.33 -0.42
N ILE A 777 -9.83 -24.65 0.71
CA ILE A 777 -9.58 -23.20 0.69
C ILE A 777 -8.16 -22.87 0.21
N SER A 778 -7.21 -23.73 0.56
CA SER A 778 -5.82 -23.60 0.16
C SER A 778 -5.63 -23.73 -1.36
N ILE A 779 -6.58 -24.40 -2.03
CA ILE A 779 -6.48 -24.62 -3.49
C ILE A 779 -7.50 -23.87 -4.32
N ALA A 780 -8.36 -23.08 -3.67
CA ALA A 780 -9.31 -22.22 -4.38
C ALA A 780 -8.61 -20.99 -4.99
N SER A 781 -9.05 -20.57 -6.17
CA SER A 781 -8.57 -19.34 -6.81
C SER A 781 -9.28 -18.17 -6.16
N VAL A 782 -8.76 -16.96 -6.35
CA VAL A 782 -9.36 -15.76 -5.76
C VAL A 782 -9.61 -14.74 -6.85
N SER A 783 -10.77 -14.07 -6.78
CA SER A 783 -11.05 -12.98 -7.70
C SER A 783 -11.87 -11.88 -7.03
N SER A 784 -11.82 -10.69 -7.60
CA SER A 784 -12.65 -9.59 -7.15
C SER A 784 -14.03 -9.64 -7.80
N ALA A 785 -15.07 -9.46 -7.00
CA ALA A 785 -16.46 -9.53 -7.48
C ALA A 785 -16.98 -8.18 -7.99
N ASN A 786 -16.64 -7.84 -9.24
CA ASN A 786 -17.04 -6.57 -9.83
C ASN A 786 -18.12 -6.71 -10.88
N ASN A 787 -19.10 -5.81 -10.84
CA ASN A 787 -20.24 -5.78 -11.76
C ASN A 787 -21.00 -7.10 -11.82
N ILE A 788 -21.28 -7.66 -10.65
CA ILE A 788 -22.07 -8.90 -10.54
C ILE A 788 -23.44 -8.72 -11.19
N ALA A 789 -24.11 -7.63 -10.82
CA ALA A 789 -25.46 -7.31 -11.33
C ALA A 789 -25.51 -7.30 -12.85
N LYS A 790 -24.49 -6.70 -13.47
CA LYS A 790 -24.40 -6.61 -14.93
C LYS A 790 -24.67 -7.94 -15.65
N TYR A 791 -24.16 -9.03 -15.10
CA TYR A 791 -24.24 -10.32 -15.77
C TYR A 791 -25.31 -11.24 -15.16
N ASP A 792 -26.12 -10.68 -14.26
CA ASP A 792 -27.16 -11.43 -13.57
C ASP A 792 -28.48 -11.39 -14.34
N VAL A 793 -28.75 -12.44 -15.12
CA VAL A 793 -29.98 -12.54 -15.91
C VAL A 793 -30.91 -13.60 -15.30
N GLY A 794 -31.77 -13.15 -14.39
CA GLY A 794 -32.65 -14.04 -13.64
C GLY A 794 -31.89 -15.13 -12.91
N GLY A 795 -30.81 -14.74 -12.23
CA GLY A 795 -29.96 -15.66 -11.48
C GLY A 795 -28.99 -16.50 -12.30
N PHE A 796 -28.92 -16.23 -13.61
CA PHE A 796 -28.11 -17.01 -14.52
C PHE A 796 -27.16 -16.12 -15.30
N PRO A 797 -26.04 -16.69 -15.80
CA PRO A 797 -25.02 -15.90 -16.50
C PRO A 797 -25.51 -15.29 -17.82
N GLY A 798 -25.38 -13.98 -17.93
CA GLY A 798 -25.61 -13.28 -19.19
C GLY A 798 -24.45 -13.46 -20.15
N PRO A 799 -24.45 -12.70 -21.26
CA PRO A 799 -23.36 -12.81 -22.26
C PRO A 799 -22.03 -12.26 -21.73
N LYS A 800 -20.93 -12.86 -22.16
CA LYS A 800 -19.58 -12.43 -21.76
C LYS A 800 -19.32 -12.51 -20.24
N CYS A 801 -20.18 -13.22 -19.52
CA CYS A 801 -20.05 -13.36 -18.07
C CYS A 801 -18.70 -13.97 -17.67
N PRO A 802 -17.91 -13.23 -16.87
CA PRO A 802 -16.61 -13.75 -16.40
C PRO A 802 -16.77 -15.01 -15.54
N PHE A 803 -15.71 -15.82 -15.50
CA PHE A 803 -15.72 -17.11 -14.81
C PHE A 803 -16.10 -17.00 -13.33
N HIS A 804 -15.51 -16.04 -12.65
CA HIS A 804 -15.73 -15.87 -11.22
C HIS A 804 -17.14 -15.35 -10.91
N ILE A 805 -17.68 -14.53 -11.82
CA ILE A 805 -19.02 -13.99 -11.68
C ILE A 805 -20.02 -15.12 -11.88
N ARG A 806 -19.76 -15.99 -12.86
CA ARG A 806 -20.54 -17.22 -13.04
C ARG A 806 -20.55 -18.06 -11.75
N GLY A 807 -19.39 -18.14 -11.09
CA GLY A 807 -19.30 -18.81 -9.79
C GLY A 807 -20.20 -18.19 -8.72
N ILE A 808 -20.19 -16.86 -8.66
CA ILE A 808 -21.05 -16.14 -7.71
C ILE A 808 -22.52 -16.42 -7.95
N LEU A 809 -22.94 -16.45 -9.22
CA LEU A 809 -24.35 -16.69 -9.56
C LEU A 809 -24.78 -18.10 -9.19
N THR A 810 -23.88 -19.05 -9.42
CA THR A 810 -24.08 -20.43 -8.99
C THR A 810 -24.31 -20.48 -7.48
N TYR A 811 -23.52 -19.71 -6.74
CA TYR A 811 -23.62 -19.61 -5.29
C TYR A 811 -24.96 -19.02 -4.85
N ASN A 812 -25.37 -17.91 -5.48
CA ASN A 812 -26.64 -17.24 -5.15
C ASN A 812 -27.87 -18.12 -5.34
N ARG A 813 -27.82 -19.00 -6.33
CA ARG A 813 -28.88 -19.97 -6.57
C ARG A 813 -28.88 -21.05 -5.49
N ALA A 814 -27.70 -21.50 -5.10
CA ALA A 814 -27.56 -22.55 -4.10
C ALA A 814 -27.99 -22.10 -2.70
N ILE A 815 -27.79 -20.81 -2.40
CA ILE A 815 -28.14 -20.28 -1.08
C ILE A 815 -29.53 -19.61 -1.05
N LYS A 816 -30.26 -19.68 -2.15
CA LYS A 816 -31.57 -19.03 -2.29
C LYS A 816 -32.55 -19.48 -1.21
N GLY A 817 -33.37 -18.54 -0.74
CA GLY A 817 -34.36 -18.83 0.27
C GLY A 817 -33.77 -18.90 1.67
N ASN A 818 -32.55 -19.43 1.75
CA ASN A 818 -31.79 -19.45 2.99
C ASN A 818 -31.38 -18.04 3.39
N ILE A 819 -31.79 -17.63 4.58
CA ILE A 819 -31.56 -16.27 5.08
C ILE A 819 -30.21 -16.18 5.82
N ASP A 820 -29.65 -17.34 6.15
CA ASP A 820 -28.51 -17.42 7.06
C ASP A 820 -27.14 -17.42 6.36
N ALA A 821 -27.13 -17.71 5.06
CA ALA A 821 -25.88 -17.78 4.30
C ALA A 821 -25.34 -16.39 3.96
N PRO A 822 -24.00 -16.19 4.07
CA PRO A 822 -23.41 -14.89 3.74
C PRO A 822 -23.55 -14.54 2.27
N GLN A 823 -23.92 -13.28 2.01
CA GLN A 823 -24.06 -12.79 0.65
C GLN A 823 -22.68 -12.41 0.11
N VAL A 824 -22.49 -12.61 -1.19
CA VAL A 824 -21.33 -12.06 -1.88
C VAL A 824 -21.57 -10.55 -2.03
N VAL A 825 -20.63 -9.75 -1.54
CA VAL A 825 -20.75 -8.30 -1.61
C VAL A 825 -20.01 -7.76 -2.84
N GLU A 826 -20.69 -6.89 -3.59
CA GLU A 826 -20.13 -6.22 -4.75
C GLU A 826 -18.79 -5.57 -4.44
N GLY A 827 -17.79 -5.84 -5.27
CA GLY A 827 -16.45 -5.30 -5.09
C GLY A 827 -15.50 -6.12 -4.23
N GLU A 828 -16.03 -6.92 -3.30
CA GLU A 828 -15.20 -7.71 -2.39
C GLU A 828 -14.63 -8.96 -3.10
N LYS A 829 -13.82 -9.73 -2.40
CA LYS A 829 -13.14 -10.87 -3.02
C LYS A 829 -13.84 -12.20 -2.77
N VAL A 830 -13.72 -13.12 -3.72
CA VAL A 830 -14.31 -14.45 -3.59
C VAL A 830 -13.30 -15.57 -3.89
N TYR A 831 -13.40 -16.65 -3.15
CA TYR A 831 -12.77 -17.93 -3.51
C TYR A 831 -13.54 -18.49 -4.68
N VAL A 832 -12.84 -19.17 -5.59
CA VAL A 832 -13.47 -19.75 -6.79
C VAL A 832 -13.00 -21.19 -6.97
N LEU A 833 -13.94 -22.11 -7.17
CA LEU A 833 -13.62 -23.50 -7.49
C LEU A 833 -14.36 -24.03 -8.71
N PRO A 834 -13.64 -24.74 -9.60
CA PRO A 834 -14.28 -25.42 -10.72
C PRO A 834 -15.05 -26.66 -10.25
N LEU A 835 -16.09 -27.02 -10.99
CA LEU A 835 -16.96 -28.13 -10.60
C LEU A 835 -17.08 -29.13 -11.74
N ARG A 836 -17.02 -30.41 -11.39
CA ARG A 836 -17.16 -31.48 -12.37
C ARG A 836 -18.55 -31.49 -13.01
N GLU A 837 -18.60 -31.99 -14.24
CA GLU A 837 -19.83 -32.04 -15.02
C GLU A 837 -20.88 -32.89 -14.30
N GLY A 838 -22.14 -32.46 -14.37
CA GLY A 838 -23.26 -33.20 -13.79
C GLY A 838 -23.56 -32.87 -12.34
N ASN A 839 -22.87 -31.86 -11.80
CA ASN A 839 -23.01 -31.49 -10.38
C ASN A 839 -24.38 -30.90 -10.06
N PRO A 840 -24.78 -30.93 -8.77
CA PRO A 840 -26.14 -30.49 -8.41
C PRO A 840 -26.31 -28.96 -8.37
N PHE A 841 -25.23 -28.21 -8.60
CA PHE A 841 -25.28 -26.75 -8.70
C PHE A 841 -25.66 -26.29 -10.11
N GLY A 842 -25.49 -27.17 -11.09
CA GLY A 842 -25.91 -26.89 -12.46
C GLY A 842 -25.06 -25.90 -13.25
N ASP A 843 -23.80 -25.76 -12.87
CA ASP A 843 -22.85 -24.94 -13.62
C ASP A 843 -21.42 -25.37 -13.33
N LYS A 844 -20.47 -24.83 -14.10
CA LYS A 844 -19.08 -25.31 -14.12
C LYS A 844 -18.15 -24.80 -13.01
N CYS A 845 -18.64 -23.86 -12.19
CA CYS A 845 -17.84 -23.34 -11.08
C CYS A 845 -18.73 -22.75 -10.01
N ILE A 846 -18.15 -22.54 -8.83
CA ILE A 846 -18.83 -21.85 -7.72
C ILE A 846 -17.85 -20.90 -7.02
N ALA A 847 -18.38 -19.84 -6.44
CA ALA A 847 -17.57 -18.84 -5.76
C ALA A 847 -18.26 -18.38 -4.48
N TRP A 848 -17.46 -18.03 -3.47
CA TRP A 848 -18.01 -17.59 -2.18
C TRP A 848 -17.07 -16.60 -1.50
N PRO A 849 -17.59 -15.75 -0.58
CA PRO A 849 -16.76 -14.69 0.02
C PRO A 849 -15.44 -15.22 0.56
N SER A 850 -14.35 -14.55 0.20
CA SER A 850 -13.02 -15.02 0.58
C SER A 850 -12.78 -14.88 2.08
N GLY A 851 -11.77 -15.58 2.58
CA GLY A 851 -11.43 -15.58 3.99
C GLY A 851 -12.43 -16.33 4.87
N THR A 852 -13.40 -17.00 4.25
CA THR A 852 -14.40 -17.77 5.00
C THR A 852 -14.49 -19.22 4.53
N GLU A 853 -14.97 -20.08 5.41
CA GLU A 853 -15.45 -21.41 5.04
C GLU A 853 -16.76 -21.21 4.29
N ILE A 854 -17.01 -22.06 3.29
CA ILE A 854 -18.28 -21.98 2.58
C ILE A 854 -19.40 -22.53 3.50
N THR A 855 -20.56 -21.86 3.50
CA THR A 855 -21.69 -22.25 4.36
C THR A 855 -21.98 -23.76 4.40
N ASP A 856 -22.29 -24.25 5.60
CA ASP A 856 -22.46 -25.69 5.88
C ASP A 856 -23.38 -26.43 4.93
N LEU A 857 -24.44 -25.75 4.48
CA LEU A 857 -25.48 -26.36 3.65
C LEU A 857 -24.95 -26.94 2.35
N ILE A 858 -23.94 -26.28 1.78
CA ILE A 858 -23.42 -26.64 0.45
C ILE A 858 -21.95 -27.07 0.47
N LYS A 859 -21.30 -26.93 1.61
CA LYS A 859 -19.89 -27.32 1.77
C LYS A 859 -19.63 -28.77 1.35
N ASP A 860 -20.48 -29.67 1.81
CA ASP A 860 -20.38 -31.10 1.48
C ASP A 860 -20.38 -31.35 -0.04
N ASP A 861 -21.33 -30.73 -0.76
CA ASP A 861 -21.44 -30.90 -2.21
C ASP A 861 -20.24 -30.31 -2.95
N VAL A 862 -19.84 -29.10 -2.57
CA VAL A 862 -18.65 -28.47 -3.13
C VAL A 862 -17.45 -29.41 -2.99
N LEU A 863 -17.22 -29.91 -1.77
CA LEU A 863 -16.15 -30.88 -1.51
C LEU A 863 -16.23 -32.13 -2.39
N HIS A 864 -17.44 -32.68 -2.51
CA HIS A 864 -17.69 -33.86 -3.32
C HIS A 864 -17.53 -33.58 -4.81
N TRP A 865 -17.89 -32.37 -5.26
CA TRP A 865 -17.90 -32.06 -6.68
C TRP A 865 -16.74 -31.21 -7.22
N MET A 866 -15.85 -30.74 -6.35
CA MET A 866 -14.65 -30.01 -6.76
C MET A 866 -13.95 -30.74 -7.90
N ASP A 867 -13.54 -29.99 -8.92
CA ASP A 867 -12.82 -30.59 -10.03
C ASP A 867 -11.32 -30.39 -9.83
N TYR A 868 -10.68 -31.38 -9.21
CA TYR A 868 -9.25 -31.33 -8.91
C TYR A 868 -8.38 -31.29 -10.16
N THR A 869 -8.79 -32.05 -11.17
CA THR A 869 -8.04 -32.15 -12.43
C THR A 869 -7.93 -30.79 -13.13
N VAL A 870 -9.05 -30.10 -13.23
CA VAL A 870 -9.10 -28.76 -13.84
C VAL A 870 -8.24 -27.79 -13.02
N LEU A 871 -8.37 -27.89 -11.70
CA LEU A 871 -7.71 -27.00 -10.76
C LEU A 871 -6.19 -27.15 -10.80
N LEU A 872 -5.71 -28.40 -10.79
CA LEU A 872 -4.28 -28.69 -10.91
C LEU A 872 -3.74 -28.17 -12.24
N GLU A 873 -4.44 -28.47 -13.34
CA GLU A 873 -4.02 -28.01 -14.67
C GLU A 873 -3.95 -26.50 -14.85
N LYS A 874 -5.00 -25.80 -14.44
CA LYS A 874 -5.11 -24.37 -14.63
C LYS A 874 -4.25 -23.53 -13.70
N THR A 875 -4.21 -23.88 -12.42
CA THR A 875 -3.52 -23.02 -11.45
C THR A 875 -2.07 -23.40 -11.28
N PHE A 876 -1.74 -24.67 -11.51
CA PHE A 876 -0.39 -25.17 -11.20
C PHE A 876 0.41 -25.60 -12.43
N ILE A 877 -0.12 -26.56 -13.17
CA ILE A 877 0.61 -27.12 -14.30
C ILE A 877 0.86 -26.07 -15.39
N LYS A 878 -0.16 -25.31 -15.77
CA LYS A 878 0.03 -24.36 -16.86
C LYS A 878 1.09 -23.29 -16.56
N PRO A 879 1.04 -22.64 -15.37
CA PRO A 879 2.13 -21.70 -15.03
C PRO A 879 3.50 -22.36 -14.93
N LEU A 880 3.56 -23.54 -14.32
CA LEU A 880 4.82 -24.26 -14.19
C LEU A 880 5.40 -24.60 -15.57
N GLU A 881 4.52 -24.93 -16.51
CA GLU A 881 4.91 -25.17 -17.90
C GLU A 881 5.53 -23.91 -18.53
N GLY A 882 4.96 -22.74 -18.22
CA GLY A 882 5.52 -21.47 -18.66
C GLY A 882 6.91 -21.24 -18.09
N PHE A 883 7.11 -21.50 -16.79
CA PHE A 883 8.42 -21.28 -16.16
C PHE A 883 9.47 -22.19 -16.80
N THR A 884 9.12 -23.47 -16.94
CA THR A 884 10.09 -24.48 -17.34
C THR A 884 10.45 -24.44 -18.82
N SER A 885 9.47 -24.15 -19.66
CA SER A 885 9.78 -24.01 -21.08
C SER A 885 10.66 -22.77 -21.33
N ALA A 886 10.45 -21.72 -20.55
CA ALA A 886 11.30 -20.53 -20.67
C ALA A 886 12.72 -20.88 -20.25
N ALA A 887 12.85 -21.66 -19.19
CA ALA A 887 14.13 -21.96 -18.58
C ALA A 887 14.81 -23.15 -19.26
N LYS A 888 14.12 -23.72 -20.25
CA LYS A 888 14.60 -24.86 -21.03
C LYS A 888 14.88 -26.10 -20.18
N LEU A 889 13.93 -26.44 -19.31
CA LEU A 889 14.00 -27.72 -18.61
C LEU A 889 12.61 -28.32 -18.39
N ASP A 890 12.56 -29.54 -17.86
CA ASP A 890 11.30 -30.28 -17.80
C ASP A 890 10.93 -30.54 -16.36
N TYR A 891 9.64 -30.44 -16.04
CA TYR A 891 9.16 -30.77 -14.70
C TYR A 891 8.82 -32.27 -14.62
N GLU A 892 8.62 -32.90 -15.78
CA GLU A 892 8.50 -34.36 -15.89
C GLU A 892 9.59 -34.93 -16.80
N LYS A 893 10.21 -36.03 -16.38
CA LYS A 893 11.24 -36.69 -17.18
C LYS A 893 10.71 -37.03 -18.56
N LYS A 894 11.37 -36.56 -19.62
CA LYS A 894 10.98 -36.89 -21.00
C LYS A 894 11.31 -38.35 -21.32
N ALA A 895 10.46 -38.98 -22.14
CA ALA A 895 10.74 -40.32 -22.66
C ALA A 895 12.01 -40.31 -23.49
N SER A 896 12.76 -41.40 -23.41
CA SER A 896 14.03 -41.52 -24.13
C SER A 896 14.39 -42.98 -24.37
N LEU A 897 15.44 -43.20 -25.15
CA LEU A 897 15.95 -44.54 -25.45
C LEU A 897 16.28 -45.33 -24.18
N PHE A 898 16.64 -44.61 -23.12
CA PHE A 898 16.98 -45.20 -21.82
C PHE A 898 15.81 -45.91 -21.15
N ASP A 899 14.60 -45.60 -21.58
CA ASP A 899 13.40 -46.27 -21.07
C ASP A 899 13.37 -47.74 -21.43
N MET A 900 14.17 -48.15 -22.40
CA MET A 900 14.27 -49.55 -22.79
C MET A 900 15.02 -50.40 -21.75
N PHE A 901 15.69 -49.75 -20.79
CA PHE A 901 16.51 -50.45 -19.81
C PHE A 901 15.88 -50.47 -18.42
N ASP A 902 16.32 -51.41 -17.57
CA ASP A 902 15.83 -51.50 -16.19
C ASP A 902 16.81 -50.91 -15.15
N PHE A 903 16.62 -49.65 -14.81
CA PHE A 903 17.48 -48.98 -13.85
C PHE A 903 16.91 -49.09 -12.43
#